data_7XDP
#
_entry.id   7XDP
#
_cell.length_a   111.934
_cell.length_b   74.969
_cell.length_c   71.323
_cell.angle_alpha   90.000
_cell.angle_beta   111.290
_cell.angle_gamma   90.000
#
_symmetry.space_group_name_H-M   'C 1 2 1'
#
loop_
_entity.id
_entity.type
_entity.pdbx_description
1 polymer 'Carbon monoxide dehydrogenase 2'
2 non-polymer 'IRON/SULFUR CLUSTER'
3 non-polymer 'FE2/S2 (INORGANIC) CLUSTER'
4 non-polymer 'FE(4)-NI(1)-S(5) CLUSTER'
5 water water
#
_entity_poly.entity_id   1
_entity_poly.type   'polypeptide(L)'
_entity_poly.pdbx_seq_one_letter_code
;MGSSHHHHHHSSGLVPRGSHMARQNLKSTDRAVQQMLDKAKREGIQTVWDRYEAMKPQCGFGETGLCCRHCLQGPCRINP
FGDEPKVGICGATAEVIVARGLDRSIAAGAAGHSGHAKHLAHTLKKAVQGKAASYMIKDRTKLHSIAKRLGIPTEGQKDE
DIALEVAKAALADFHEKDTPVLWVTTVLPPSRVKVLSAHGLIPAGIDHEIAEIMHRTSMGCDADAQNLLLGGLRCSLADL
AGCYMGTDLADILFGTPAPVVTESNLGVLKADAVNVAVHGHNPVLSDIIVSVSKEMENEARAAGATGINVVGICCTGNEV
LMRHGIPACTHSVSQEMAMITGALDAMILDYQCIQPSVATIAECTGTTVITTMEMSKITGATHVNFAEEAAVENAKQILR
LAIDTFKRRKGKPVEIPNIKTKVVAGFSTEAIINALSKLNANDPLKPLIDNVVNGNIRGVCLFAGCNNVKVPQDQNFTTI
ARKLLKQNVLVVATGCGAGALMRHGFMDPANVDELCGDGLKAVLTAIGEANGLGGPLPPVLHMGSCVDNSRAVALVAALA
NRLGVDLDRLPVVASAAESMHEKAVAIGTWAVTIGLPTHIGVLPPITGSLPVTQILTSSVKDITGGYFIVELDPETAADK
LLAAINERRAGLGLPW
;
_entity_poly.pdbx_strand_id   A
#
loop_
_chem_comp.id
_chem_comp.type
_chem_comp.name
_chem_comp.formula
FES non-polymer 'FE2/S2 (INORGANIC) CLUSTER' 'Fe2 S2'
NFS non-polymer 'FE(4)-NI(1)-S(5) CLUSTER' 'Fe4 Ni S5'
SF4 non-polymer 'IRON/SULFUR CLUSTER' 'Fe4 S4'
#
# COMPACT_ATOMS: atom_id res chain seq x y z
N GLN A 24 -19.53 7.94 17.82
CA GLN A 24 -18.33 7.23 17.38
C GLN A 24 -18.43 6.95 15.89
N ASN A 25 -19.65 7.15 15.36
CA ASN A 25 -19.92 6.98 13.94
C ASN A 25 -19.26 8.05 13.08
N LEU A 26 -19.01 9.23 13.66
CA LEU A 26 -18.29 10.29 12.97
C LEU A 26 -16.78 10.05 12.97
N LYS A 27 -16.29 9.13 13.79
CA LYS A 27 -14.87 8.76 13.83
C LYS A 27 -14.56 7.58 12.91
N SER A 28 -15.40 6.55 12.94
CA SER A 28 -15.20 5.37 12.11
C SER A 28 -16.53 4.82 11.68
N THR A 29 -16.62 4.38 10.43
CA THR A 29 -17.82 3.66 9.99
C THR A 29 -17.75 2.19 10.34
N ASP A 30 -16.66 1.74 10.93
CA ASP A 30 -16.48 0.33 11.28
C ASP A 30 -17.13 0.08 12.64
N ARG A 31 -18.13 -0.80 12.69
CA ARG A 31 -18.88 -0.99 13.93
C ARG A 31 -18.03 -1.60 15.03
N ALA A 32 -17.05 -2.45 14.67
CA ALA A 32 -16.16 -3.00 15.67
C ALA A 32 -15.28 -1.90 16.27
N VAL A 33 -14.84 -0.97 15.42
CA VAL A 33 -14.04 0.15 15.92
C VAL A 33 -14.86 1.05 16.83
N GLN A 34 -16.13 1.31 16.47
CA GLN A 34 -17.01 2.08 17.34
C GLN A 34 -17.14 1.45 18.72
N GLN A 35 -17.29 0.11 18.76
CA GLN A 35 -17.43 -0.58 20.05
C GLN A 35 -16.17 -0.41 20.90
N MET A 36 -14.99 -0.56 20.29
CA MET A 36 -13.75 -0.32 21.01
C MET A 36 -13.56 1.15 21.40
N LEU A 37 -14.04 2.10 20.59
CA LEU A 37 -13.94 3.50 21.00
C LEU A 37 -14.76 3.76 22.26
N ASP A 38 -15.91 3.10 22.40
CA ASP A 38 -16.67 3.21 23.64
C ASP A 38 -15.88 2.62 24.81
N LYS A 39 -15.22 1.47 24.60
CA LYS A 39 -14.43 0.87 25.67
C LYS A 39 -13.25 1.78 26.05
N ALA A 40 -12.53 2.30 25.04
CA ALA A 40 -11.42 3.21 25.34
C ALA A 40 -11.92 4.44 26.07
N LYS A 41 -13.07 4.98 25.68
CA LYS A 41 -13.59 6.16 26.33
C LYS A 41 -13.87 5.89 27.81
N ARG A 42 -14.60 4.80 28.11
CA ARG A 42 -14.95 4.63 29.51
C ARG A 42 -13.77 4.16 30.35
N GLU A 43 -12.72 3.63 29.73
CA GLU A 43 -11.49 3.29 30.45
C GLU A 43 -10.47 4.43 30.46
N GLY A 44 -10.77 5.56 29.83
CA GLY A 44 -9.87 6.69 29.86
C GLY A 44 -8.61 6.53 29.02
N ILE A 45 -8.62 5.68 28.01
CA ILE A 45 -7.47 5.48 27.12
C ILE A 45 -7.61 6.44 25.96
N GLN A 46 -6.64 7.34 25.82
CA GLN A 46 -6.65 8.33 24.75
C GLN A 46 -6.34 7.67 23.41
N THR A 47 -7.12 8.02 22.39
CA THR A 47 -6.96 7.43 21.06
C THR A 47 -6.46 8.46 20.06
N VAL A 48 -6.18 7.97 18.85
CA VAL A 48 -5.79 8.84 17.74
C VAL A 48 -6.86 9.89 17.49
N TRP A 49 -8.14 9.53 17.62
CA TRP A 49 -9.19 10.54 17.42
C TRP A 49 -9.17 11.58 18.53
N ASP A 50 -8.86 11.18 19.77
CA ASP A 50 -8.75 12.16 20.84
C ASP A 50 -7.58 13.10 20.60
N ARG A 51 -6.44 12.56 20.15
CA ARG A 51 -5.29 13.40 19.86
C ARG A 51 -5.56 14.34 18.71
N TYR A 52 -6.34 13.90 17.72
CA TYR A 52 -6.78 14.78 16.63
C TYR A 52 -7.62 15.94 17.16
N GLU A 53 -8.62 15.63 17.98
CA GLU A 53 -9.45 16.68 18.56
C GLU A 53 -8.61 17.68 19.32
N ALA A 54 -7.62 17.19 20.09
CA ALA A 54 -6.75 18.07 20.86
C ALA A 54 -5.86 18.93 19.97
N MET A 55 -5.72 18.59 18.68
CA MET A 55 -4.87 19.34 17.77
C MET A 55 -5.63 20.44 17.03
N LYS A 56 -6.96 20.43 17.06
CA LYS A 56 -7.76 21.41 16.33
C LYS A 56 -7.76 22.76 17.06
N PRO A 57 -7.74 23.89 16.31
CA PRO A 57 -7.67 23.95 14.85
C PRO A 57 -6.24 23.77 14.38
N GLN A 58 -6.05 23.09 13.26
CA GLN A 58 -4.69 22.85 12.81
C GLN A 58 -4.17 24.05 12.02
N CYS A 59 -2.85 24.11 11.89
CA CYS A 59 -2.21 25.26 11.28
C CYS A 59 -2.55 25.36 9.80
N GLY A 60 -3.12 26.49 9.39
CA GLY A 60 -3.47 26.68 8.00
C GLY A 60 -2.29 26.90 7.08
N PHE A 61 -1.19 27.45 7.59
CA PHE A 61 0.01 27.57 6.75
C PHE A 61 0.50 26.18 6.36
N GLY A 62 0.60 25.29 7.35
CA GLY A 62 1.02 23.93 7.06
C GLY A 62 0.03 23.19 6.18
N GLU A 63 -1.27 23.37 6.45
CA GLU A 63 -2.31 22.69 5.69
C GLU A 63 -2.23 23.03 4.21
N THR A 64 -1.94 24.28 3.88
CA THR A 64 -1.88 24.76 2.51
C THR A 64 -0.51 24.56 1.88
N GLY A 65 0.49 24.17 2.67
CA GLY A 65 1.84 24.02 2.16
C GLY A 65 2.67 25.29 2.22
N LEU A 66 2.10 26.38 2.74
CA LEU A 66 2.79 27.67 2.77
C LEU A 66 3.61 27.83 4.05
N CYS A 67 4.47 26.85 4.32
CA CYS A 67 5.39 26.96 5.43
C CYS A 67 6.69 26.29 5.02
N CYS A 68 7.81 26.91 5.40
CA CYS A 68 9.13 26.37 5.06
C CYS A 68 10.02 26.46 6.29
N ARG A 69 10.66 25.33 6.63
CA ARG A 69 11.67 25.30 7.70
C ARG A 69 12.98 24.75 7.20
N HIS A 70 13.33 24.99 5.92
CA HIS A 70 14.52 24.35 5.34
C HIS A 70 15.81 25.06 5.69
N CYS A 71 15.77 26.15 6.47
CA CYS A 71 17.00 26.71 7.00
C CYS A 71 16.68 27.42 8.30
N LEU A 72 17.73 27.78 9.03
CA LEU A 72 17.56 28.34 10.36
C LEU A 72 17.23 29.82 10.33
N GLN A 73 17.05 30.40 9.16
CA GLN A 73 16.42 31.72 9.13
C GLN A 73 14.93 31.61 9.30
N GLY A 74 14.38 30.40 9.12
CA GLY A 74 12.97 30.16 9.26
C GLY A 74 12.56 30.03 10.71
N PRO A 75 11.31 29.63 10.95
CA PRO A 75 10.33 29.25 9.93
C PRO A 75 9.80 30.44 9.16
N CYS A 76 9.56 30.20 7.88
CA CYS A 76 8.90 31.15 7.02
C CYS A 76 7.50 30.66 6.70
N ARG A 77 6.56 31.59 6.62
CA ARG A 77 5.22 31.24 6.22
C ARG A 77 4.78 32.30 5.23
N ILE A 78 3.74 31.98 4.47
CA ILE A 78 3.15 32.91 3.52
C ILE A 78 1.65 32.90 3.76
N ASN A 79 1.08 34.08 3.94
CA ASN A 79 -0.37 34.16 4.06
C ASN A 79 -0.99 33.69 2.74
N PRO A 80 -1.91 32.73 2.76
CA PRO A 80 -2.58 32.35 1.51
C PRO A 80 -3.20 33.56 0.84
N PHE A 81 -3.76 34.48 1.62
CA PHE A 81 -4.33 35.69 1.08
C PHE A 81 -4.11 36.84 2.05
N GLY A 82 -4.08 38.05 1.50
CA GLY A 82 -3.95 39.22 2.33
C GLY A 82 -2.59 39.86 2.22
N ASP A 83 -2.07 40.34 3.35
CA ASP A 83 -0.86 41.15 3.40
C ASP A 83 0.34 40.28 3.75
N GLU A 84 1.47 40.92 4.08
CA GLU A 84 2.69 40.18 4.34
C GLU A 84 2.55 39.28 5.56
N PRO A 85 3.31 38.19 5.64
CA PRO A 85 4.35 37.80 4.67
C PRO A 85 3.82 37.23 3.36
N LYS A 86 4.47 37.62 2.26
CA LYS A 86 4.11 37.15 0.92
C LYS A 86 5.20 36.30 0.28
N VAL A 87 6.36 36.20 0.91
CA VAL A 87 7.51 35.58 0.29
C VAL A 87 8.43 35.11 1.41
N GLY A 88 9.17 34.04 1.16
CA GLY A 88 10.14 33.57 2.14
C GLY A 88 11.27 34.54 2.32
N ILE A 89 12.00 34.38 3.43
CA ILE A 89 13.06 35.32 3.76
C ILE A 89 14.14 35.33 2.69
N CYS A 90 14.47 34.16 2.14
CA CYS A 90 15.48 34.06 1.09
C CYS A 90 14.96 34.48 -0.27
N GLY A 91 13.67 34.81 -0.37
CA GLY A 91 13.06 35.08 -1.66
C GLY A 91 12.26 33.92 -2.24
N ALA A 92 12.18 32.79 -1.54
CA ALA A 92 11.39 31.65 -2.03
C ALA A 92 9.91 32.03 -2.13
N THR A 93 9.35 31.84 -3.31
CA THR A 93 7.95 32.16 -3.57
C THR A 93 7.05 31.05 -3.02
N ALA A 94 5.75 31.33 -2.99
CA ALA A 94 4.78 30.33 -2.60
C ALA A 94 4.89 29.09 -3.48
N GLU A 95 5.08 29.29 -4.79
CA GLU A 95 5.15 28.11 -5.64
C GLU A 95 6.42 27.31 -5.40
N VAL A 96 7.53 27.97 -5.07
CA VAL A 96 8.75 27.23 -4.75
C VAL A 96 8.59 26.48 -3.43
N ILE A 97 8.07 27.15 -2.41
CA ILE A 97 7.92 26.52 -1.09
C ILE A 97 7.00 25.31 -1.18
N VAL A 98 5.87 25.46 -1.89
CA VAL A 98 4.95 24.35 -2.02
C VAL A 98 5.58 23.18 -2.78
N ALA A 99 6.28 23.47 -3.88
CA ALA A 99 6.85 22.37 -4.67
C ALA A 99 7.97 21.67 -3.92
N ARG A 100 8.78 22.43 -3.16
CA ARG A 100 9.87 21.82 -2.39
C ARG A 100 9.33 20.89 -1.31
N GLY A 101 8.30 21.32 -0.59
CA GLY A 101 7.74 20.46 0.43
C GLY A 101 7.14 19.19 -0.15
N LEU A 102 6.41 19.33 -1.26
CA LEU A 102 5.89 18.15 -1.95
C LEU A 102 7.01 17.22 -2.38
N ASP A 103 8.09 17.76 -2.93
CA ASP A 103 9.19 16.91 -3.38
C ASP A 103 9.77 16.11 -2.22
N ARG A 104 9.94 16.74 -1.05
CA ARG A 104 10.51 16.01 0.07
C ARG A 104 9.58 14.88 0.52
N SER A 105 8.27 15.09 0.44
CA SER A 105 7.32 14.05 0.81
C SER A 105 7.44 12.86 -0.16
N ILE A 106 7.58 13.16 -1.44
CA ILE A 106 7.78 12.08 -2.42
C ILE A 106 9.07 11.32 -2.10
N ALA A 107 10.14 12.06 -1.79
CA ALA A 107 11.42 11.40 -1.50
C ALA A 107 11.32 10.51 -0.27
N ALA A 108 10.66 11.01 0.79
CA ALA A 108 10.46 10.20 1.98
C ALA A 108 9.66 8.94 1.67
N GLY A 109 8.59 9.07 0.88
CA GLY A 109 7.85 7.88 0.46
C GLY A 109 8.73 6.91 -0.30
N ALA A 110 9.52 7.41 -1.25
CA ALA A 110 10.44 6.57 -2.00
C ALA A 110 11.44 5.87 -1.07
N ALA A 111 11.92 6.59 -0.06
CA ALA A 111 12.88 6.01 0.88
C ALA A 111 12.27 4.88 1.69
N GLY A 112 10.97 4.96 1.98
CA GLY A 112 10.34 3.88 2.74
C GLY A 112 10.14 2.63 1.90
N HIS A 113 9.55 2.79 0.71
CA HIS A 113 9.30 1.62 -0.14
C HIS A 113 10.61 0.99 -0.57
N SER A 114 11.62 1.80 -0.85
CA SER A 114 12.86 1.24 -1.35
C SER A 114 13.76 0.70 -0.23
N GLY A 115 13.64 1.21 1.00
CA GLY A 115 14.28 0.54 2.12
C GLY A 115 13.69 -0.85 2.36
N HIS A 116 12.38 -0.97 2.25
CA HIS A 116 11.70 -2.27 2.29
C HIS A 116 12.25 -3.21 1.22
N ALA A 117 12.33 -2.73 -0.02
CA ALA A 117 12.85 -3.56 -1.10
C ALA A 117 14.32 -3.90 -0.88
N LYS A 118 15.13 -2.91 -0.45
CA LYS A 118 16.54 -3.16 -0.17
C LYS A 118 16.70 -4.26 0.89
N HIS A 119 15.89 -4.24 1.94
CA HIS A 119 15.93 -5.30 2.95
C HIS A 119 15.70 -6.66 2.33
N LEU A 120 14.67 -6.78 1.48
CA LEU A 120 14.39 -8.04 0.81
C LEU A 120 15.53 -8.45 -0.12
N ALA A 121 16.17 -7.49 -0.79
CA ALA A 121 17.27 -7.82 -1.68
C ALA A 121 18.43 -8.41 -0.90
N HIS A 122 18.74 -7.85 0.27
CA HIS A 122 19.79 -8.42 1.09
C HIS A 122 19.40 -9.79 1.65
N THR A 123 18.11 -9.97 1.97
CA THR A 123 17.65 -11.27 2.45
C THR A 123 17.79 -12.34 1.38
N LEU A 124 17.40 -12.03 0.14
CA LEU A 124 17.59 -13.01 -0.93
C LEU A 124 19.07 -13.33 -1.13
N LYS A 125 19.93 -12.30 -1.10
CA LYS A 125 21.36 -12.55 -1.29
C LYS A 125 21.91 -13.45 -0.19
N LYS A 126 21.57 -13.16 1.07
CA LYS A 126 22.05 -14.00 2.17
C LYS A 126 21.53 -15.42 2.00
N ALA A 127 20.28 -15.58 1.58
CA ALA A 127 19.68 -16.90 1.47
C ALA A 127 20.41 -17.78 0.47
N VAL A 128 20.76 -17.22 -0.68
CA VAL A 128 21.36 -18.05 -1.74
C VAL A 128 22.87 -18.13 -1.63
N GLN A 129 23.48 -17.34 -0.75
CA GLN A 129 24.87 -17.52 -0.38
C GLN A 129 25.02 -18.41 0.85
N GLY A 130 23.96 -19.10 1.27
CA GLY A 130 24.02 -20.01 2.40
C GLY A 130 24.15 -19.37 3.77
N LYS A 131 23.69 -18.13 3.91
CA LYS A 131 23.88 -17.37 5.14
C LYS A 131 22.62 -17.29 6.00
N ALA A 132 21.46 -17.73 5.50
CA ALA A 132 20.22 -17.69 6.28
C ALA A 132 19.31 -18.81 5.76
N ALA A 133 19.38 -19.95 6.42
CA ALA A 133 18.69 -21.13 5.90
C ALA A 133 17.18 -21.08 6.12
N SER A 134 16.68 -20.14 6.93
CA SER A 134 15.24 -19.94 7.08
C SER A 134 14.61 -19.35 5.84
N TYR A 135 15.42 -18.84 4.90
CA TYR A 135 14.94 -18.21 3.67
C TYR A 135 15.45 -18.98 2.46
N MET A 136 14.66 -18.94 1.38
CA MET A 136 14.95 -19.77 0.23
C MET A 136 14.18 -19.24 -0.97
N ILE A 137 14.49 -19.79 -2.13
CA ILE A 137 13.73 -19.53 -3.34
C ILE A 137 12.45 -20.37 -3.28
N LYS A 138 11.32 -19.72 -2.98
CA LYS A 138 10.05 -20.46 -2.94
C LYS A 138 9.33 -20.45 -4.27
N ASP A 139 9.41 -19.34 -5.01
CA ASP A 139 8.76 -19.26 -6.32
C ASP A 139 9.84 -19.22 -7.39
N ARG A 140 10.17 -20.41 -7.90
CA ARG A 140 11.23 -20.56 -8.89
C ARG A 140 10.80 -20.02 -10.24
N THR A 141 9.51 -20.17 -10.57
CA THR A 141 8.97 -19.64 -11.83
C THR A 141 9.07 -18.12 -11.87
N LYS A 142 8.71 -17.46 -10.76
CA LYS A 142 8.81 -16.00 -10.69
C LYS A 142 10.27 -15.55 -10.79
N LEU A 143 11.17 -16.26 -10.13
CA LEU A 143 12.60 -15.95 -10.24
C LEU A 143 13.05 -15.92 -11.70
N HIS A 144 12.72 -16.96 -12.46
CA HIS A 144 13.14 -17.03 -13.85
C HIS A 144 12.49 -15.95 -14.71
N SER A 145 11.20 -15.67 -14.47
CA SER A 145 10.55 -14.63 -15.27
C SER A 145 11.17 -13.26 -15.01
N ILE A 146 11.46 -12.95 -13.74
CA ILE A 146 12.12 -11.68 -13.42
C ILE A 146 13.48 -11.61 -14.09
N ALA A 147 14.27 -12.68 -13.99
CA ALA A 147 15.60 -12.67 -14.58
C ALA A 147 15.52 -12.40 -16.07
N LYS A 148 14.56 -13.03 -16.74
CA LYS A 148 14.38 -12.85 -18.17
C LYS A 148 13.98 -11.41 -18.49
N ARG A 149 13.07 -10.84 -17.69
CA ARG A 149 12.68 -9.44 -17.85
C ARG A 149 13.86 -8.50 -17.67
N LEU A 150 14.82 -8.87 -16.81
CA LEU A 150 16.00 -8.06 -16.57
C LEU A 150 17.13 -8.33 -17.57
N GLY A 151 16.99 -9.35 -18.41
CA GLY A 151 18.07 -9.73 -19.29
C GLY A 151 19.16 -10.55 -18.64
N ILE A 152 18.86 -11.21 -17.52
CA ILE A 152 19.81 -12.06 -16.83
C ILE A 152 19.70 -13.46 -17.44
N PRO A 153 20.78 -14.01 -17.98
CA PRO A 153 20.70 -15.34 -18.60
C PRO A 153 20.35 -16.42 -17.58
N THR A 154 19.44 -17.30 -17.95
CA THR A 154 19.02 -18.40 -17.09
C THR A 154 19.42 -19.78 -17.62
N GLU A 155 19.50 -19.95 -18.93
CA GLU A 155 19.79 -21.26 -19.50
C GLU A 155 21.12 -21.79 -19.00
N GLY A 156 21.10 -22.99 -18.42
CA GLY A 156 22.30 -23.62 -17.92
C GLY A 156 22.80 -23.10 -16.60
N GLN A 157 22.03 -22.25 -15.93
CA GLN A 157 22.43 -21.65 -14.66
C GLN A 157 21.70 -22.31 -13.49
N LYS A 158 22.40 -22.44 -12.37
CA LYS A 158 21.76 -22.83 -11.13
C LYS A 158 20.83 -21.72 -10.64
N ASP A 159 19.70 -22.14 -10.05
CA ASP A 159 18.75 -21.19 -9.46
C ASP A 159 19.44 -20.25 -8.49
N GLU A 160 20.32 -20.77 -7.64
CA GLU A 160 20.97 -19.93 -6.65
C GLU A 160 21.84 -18.86 -7.31
N ASP A 161 22.40 -19.16 -8.49
CA ASP A 161 23.20 -18.19 -9.22
C ASP A 161 22.35 -17.14 -9.91
N ILE A 162 21.23 -17.56 -10.50
CA ILE A 162 20.27 -16.63 -11.08
C ILE A 162 19.76 -15.67 -10.00
N ALA A 163 19.35 -16.23 -8.86
CA ALA A 163 18.84 -15.40 -7.77
C ALA A 163 19.91 -14.46 -7.25
N LEU A 164 21.17 -14.92 -7.18
CA LEU A 164 22.22 -14.02 -6.78
C LEU A 164 22.32 -12.85 -7.75
N GLU A 165 22.21 -13.14 -9.06
CA GLU A 165 22.26 -12.10 -10.08
C GLU A 165 21.08 -11.15 -9.95
N VAL A 166 19.89 -11.69 -9.68
CA VAL A 166 18.71 -10.86 -9.48
C VAL A 166 18.88 -9.93 -8.29
N ALA A 167 19.36 -10.48 -7.17
CA ALA A 167 19.57 -9.66 -5.98
C ALA A 167 20.62 -8.58 -6.23
N LYS A 168 21.69 -8.92 -6.96
CA LYS A 168 22.70 -7.92 -7.29
C LYS A 168 22.12 -6.83 -8.17
N ALA A 169 21.27 -7.20 -9.13
CA ALA A 169 20.64 -6.21 -9.99
C ALA A 169 19.72 -5.30 -9.18
N ALA A 170 18.99 -5.87 -8.21
CA ALA A 170 18.14 -5.06 -7.35
C ALA A 170 18.96 -4.02 -6.59
N LEU A 171 20.04 -4.46 -5.93
CA LEU A 171 20.89 -3.52 -5.19
C LEU A 171 21.55 -2.50 -6.12
N ALA A 172 21.88 -2.90 -7.34
CA ALA A 172 22.51 -1.98 -8.28
C ALA A 172 21.59 -0.81 -8.67
N ASP A 173 20.27 -1.04 -8.69
CA ASP A 173 19.30 0.00 -9.07
C ASP A 173 19.24 1.15 -8.06
N PHE A 174 19.90 1.03 -6.92
CA PHE A 174 19.85 2.11 -5.93
C PHE A 174 20.87 3.21 -6.22
N HIS A 175 21.81 2.97 -7.12
CA HIS A 175 22.86 3.93 -7.41
C HIS A 175 23.05 4.11 -8.91
N GLU A 176 23.78 5.16 -9.28
CA GLU A 176 24.07 5.39 -10.68
C GLU A 176 24.88 4.23 -11.24
N LYS A 177 24.68 3.93 -12.53
CA LYS A 177 25.43 2.88 -13.20
C LYS A 177 25.27 3.08 -14.71
N ASP A 178 25.69 2.06 -15.47
CA ASP A 178 25.66 2.11 -16.94
C ASP A 178 24.25 2.13 -17.49
N THR A 179 23.27 1.71 -16.70
CA THR A 179 21.89 1.66 -17.12
C THR A 179 21.05 2.50 -16.18
N PRO A 180 19.89 2.92 -16.61
CA PRO A 180 18.95 3.56 -15.68
C PRO A 180 18.35 2.52 -14.72
N VAL A 181 17.38 2.93 -13.91
CA VAL A 181 16.77 2.01 -12.96
C VAL A 181 15.93 1.00 -13.75
N LEU A 182 16.37 -0.27 -13.73
CA LEU A 182 15.72 -1.32 -14.50
C LEU A 182 14.35 -1.67 -13.94
N TRP A 183 14.16 -1.52 -12.61
CA TRP A 183 12.80 -1.75 -12.09
C TRP A 183 11.84 -0.60 -12.47
N VAL A 184 12.27 0.35 -13.30
CA VAL A 184 11.37 1.24 -14.05
C VAL A 184 11.33 0.85 -15.53
N THR A 185 12.50 0.82 -16.19
CA THR A 185 12.51 0.71 -17.65
C THR A 185 12.09 -0.65 -18.16
N THR A 186 12.21 -1.71 -17.36
CA THR A 186 11.80 -3.04 -17.81
C THR A 186 10.38 -3.42 -17.38
N VAL A 187 9.68 -2.58 -16.62
CA VAL A 187 8.33 -2.91 -16.16
C VAL A 187 7.25 -2.05 -16.80
N LEU A 188 7.61 -1.01 -17.57
CA LEU A 188 6.63 -0.19 -18.31
C LEU A 188 6.82 -0.42 -19.80
N PRO A 189 5.78 -0.24 -20.61
CA PRO A 189 5.93 -0.48 -22.06
C PRO A 189 6.93 0.48 -22.65
N PRO A 190 7.62 0.08 -23.73
CA PRO A 190 8.59 0.98 -24.38
C PRO A 190 8.02 2.35 -24.75
N SER A 191 6.76 2.43 -25.20
CA SER A 191 6.20 3.74 -25.54
C SER A 191 6.12 4.65 -24.33
N ARG A 192 5.72 4.11 -23.17
CA ARG A 192 5.70 4.89 -21.93
C ARG A 192 7.12 5.28 -21.49
N VAL A 193 8.08 4.36 -21.58
CA VAL A 193 9.46 4.71 -21.24
C VAL A 193 9.98 5.82 -22.15
N LYS A 194 9.61 5.78 -23.43
CA LYS A 194 10.05 6.83 -24.35
C LYS A 194 9.47 8.20 -23.96
N VAL A 195 8.19 8.24 -23.61
CA VAL A 195 7.57 9.49 -23.17
C VAL A 195 8.32 10.04 -21.96
N LEU A 196 8.60 9.16 -21.00
CA LEU A 196 9.26 9.60 -19.78
C LEU A 196 10.69 10.03 -20.04
N SER A 197 11.43 9.26 -20.86
CA SER A 197 12.80 9.65 -21.21
C SER A 197 12.86 10.98 -21.92
N ALA A 198 11.86 11.30 -22.73
CA ALA A 198 11.86 12.54 -23.48
C ALA A 198 11.79 13.75 -22.56
N HIS A 199 11.18 13.58 -21.38
CA HIS A 199 11.08 14.62 -20.38
C HIS A 199 12.14 14.48 -19.28
N GLY A 200 13.07 13.55 -19.45
CA GLY A 200 14.14 13.34 -18.49
C GLY A 200 13.67 12.81 -17.16
N LEU A 201 12.62 11.98 -17.17
CA LEU A 201 11.98 11.54 -15.94
C LEU A 201 12.40 10.15 -15.49
N ILE A 202 13.25 9.45 -16.25
CA ILE A 202 13.67 8.11 -15.86
C ILE A 202 14.70 8.21 -14.73
N PRO A 203 14.48 7.54 -13.60
CA PRO A 203 15.46 7.64 -12.50
C PRO A 203 16.78 7.00 -12.86
N ALA A 204 17.86 7.63 -12.40
CA ALA A 204 19.20 7.09 -12.61
C ALA A 204 19.59 6.08 -11.54
N GLY A 205 19.02 6.21 -10.35
CA GLY A 205 19.30 5.37 -9.21
C GLY A 205 18.31 5.70 -8.11
N ILE A 206 17.83 4.72 -7.34
CA ILE A 206 16.75 5.00 -6.38
C ILE A 206 17.23 5.93 -5.27
N ASP A 207 18.30 5.56 -4.57
CA ASP A 207 18.79 6.45 -3.51
C ASP A 207 19.43 7.70 -4.09
N HIS A 208 19.94 7.60 -5.33
CA HIS A 208 20.44 8.78 -6.03
C HIS A 208 19.35 9.83 -6.17
N GLU A 209 18.16 9.43 -6.61
CA GLU A 209 17.08 10.39 -6.78
C GLU A 209 16.64 10.97 -5.44
N ILE A 210 16.53 10.12 -4.40
CA ILE A 210 16.12 10.60 -3.08
C ILE A 210 17.06 11.69 -2.60
N ALA A 211 18.37 11.45 -2.72
CA ALA A 211 19.36 12.44 -2.30
C ALA A 211 19.30 13.70 -3.16
N GLU A 212 19.14 13.55 -4.48
CA GLU A 212 19.04 14.73 -5.33
C GLU A 212 17.82 15.57 -4.98
N ILE A 213 16.72 14.94 -4.57
CA ILE A 213 15.56 15.72 -4.12
C ILE A 213 15.91 16.54 -2.88
N MET A 214 16.55 15.89 -1.90
CA MET A 214 16.91 16.59 -0.66
C MET A 214 17.90 17.71 -0.91
N HIS A 215 18.84 17.51 -1.83
CA HIS A 215 19.74 18.59 -2.25
C HIS A 215 18.98 19.73 -2.91
N ARG A 216 18.24 19.42 -4.00
CA ARG A 216 17.64 20.48 -4.79
C ARG A 216 16.58 21.27 -4.03
N THR A 217 15.97 20.68 -2.99
CA THR A 217 14.99 21.38 -2.19
C THR A 217 15.60 22.08 -0.98
N SER A 218 16.89 21.90 -0.72
CA SER A 218 17.51 22.62 0.38
C SER A 218 17.66 24.11 -0.01
N MET A 219 17.99 24.95 0.96
CA MET A 219 17.88 26.39 0.73
C MET A 219 18.86 26.82 -0.36
N GLY A 220 18.44 27.77 -1.20
CA GLY A 220 19.32 28.35 -2.19
C GLY A 220 19.68 27.47 -3.37
N CYS A 221 18.81 26.53 -3.72
CA CYS A 221 19.02 25.54 -4.76
C CYS A 221 17.84 25.74 -5.71
N ASP A 222 17.25 24.65 -6.22
CA ASP A 222 16.15 24.74 -7.18
C ASP A 222 15.03 25.68 -6.71
N ALA A 223 14.65 26.62 -7.59
CA ALA A 223 13.65 27.64 -7.28
C ALA A 223 12.78 27.92 -8.51
N ASP A 224 12.38 26.86 -9.19
CA ASP A 224 11.48 26.96 -10.33
C ASP A 224 10.47 25.84 -10.14
N ALA A 225 9.19 26.19 -10.05
CA ALA A 225 8.20 25.20 -9.69
C ALA A 225 8.13 24.08 -10.71
N GLN A 226 8.20 24.40 -11.99
CA GLN A 226 8.13 23.35 -13.00
C GLN A 226 9.32 22.41 -12.89
N ASN A 227 10.54 22.97 -12.80
CA ASN A 227 11.74 22.15 -12.63
C ASN A 227 11.65 21.29 -11.37
N LEU A 228 11.18 21.88 -10.27
CA LEU A 228 11.05 21.14 -9.02
C LEU A 228 10.09 19.97 -9.16
N LEU A 229 8.93 20.20 -9.79
CA LEU A 229 7.93 19.15 -9.89
C LEU A 229 8.38 18.05 -10.86
N LEU A 230 9.08 18.41 -11.94
CA LEU A 230 9.63 17.37 -12.80
C LEU A 230 10.61 16.48 -12.03
N GLY A 231 11.45 17.07 -11.19
CA GLY A 231 12.27 16.25 -10.31
C GLY A 231 11.43 15.34 -9.45
N GLY A 232 10.29 15.84 -8.96
CA GLY A 232 9.43 15.03 -8.12
C GLY A 232 8.83 13.86 -8.87
N LEU A 233 8.45 14.07 -10.13
CA LEU A 233 7.92 12.98 -10.93
C LEU A 233 8.96 11.90 -11.10
N ARG A 234 10.21 12.29 -11.32
CA ARG A 234 11.28 11.30 -11.47
C ARG A 234 11.51 10.56 -10.16
N CYS A 235 11.51 11.27 -9.04
CA CYS A 235 11.65 10.57 -7.76
C CYS A 235 10.47 9.64 -7.50
N SER A 236 9.25 9.99 -7.95
CA SER A 236 8.14 9.08 -7.75
C SER A 236 8.35 7.79 -8.55
N LEU A 237 8.98 7.86 -9.72
CA LEU A 237 9.30 6.61 -10.43
C LEU A 237 10.36 5.80 -9.68
N ALA A 238 11.24 6.47 -8.92
CA ALA A 238 12.12 5.71 -8.04
C ALA A 238 11.32 4.97 -6.98
N ASP A 239 10.23 5.59 -6.51
CA ASP A 239 9.37 4.90 -5.54
C ASP A 239 8.67 3.71 -6.19
N LEU A 240 8.17 3.91 -7.41
CA LEU A 240 7.55 2.79 -8.14
C LEU A 240 8.53 1.63 -8.27
N ALA A 241 9.78 1.92 -8.59
CA ALA A 241 10.78 0.86 -8.72
C ALA A 241 10.95 0.12 -7.40
N GLY A 242 11.00 0.86 -6.28
CA GLY A 242 11.07 0.21 -4.98
C GLY A 242 9.87 -0.68 -4.71
N CYS A 243 8.67 -0.20 -5.03
CA CYS A 243 7.46 -1.01 -4.86
C CYS A 243 7.55 -2.29 -5.67
N TYR A 244 7.91 -2.16 -6.95
CA TYR A 244 7.93 -3.31 -7.85
C TYR A 244 9.03 -4.29 -7.46
N MET A 245 10.19 -3.78 -7.10
CA MET A 245 11.26 -4.63 -6.61
C MET A 245 10.85 -5.33 -5.31
N GLY A 246 10.18 -4.61 -4.42
CA GLY A 246 9.70 -5.24 -3.18
C GLY A 246 8.74 -6.39 -3.46
N THR A 247 7.79 -6.18 -4.37
CA THR A 247 6.84 -7.22 -4.71
C THR A 247 7.55 -8.40 -5.37
N ASP A 248 8.43 -8.12 -6.33
CA ASP A 248 9.19 -9.17 -7.02
C ASP A 248 9.95 -10.04 -6.02
N LEU A 249 10.72 -9.40 -5.13
CA LEU A 249 11.58 -10.15 -4.21
C LEU A 249 10.78 -10.93 -3.18
N ALA A 250 9.71 -10.34 -2.64
CA ALA A 250 8.89 -11.07 -1.67
C ALA A 250 8.21 -12.26 -2.31
N ASP A 251 7.80 -12.14 -3.58
CA ASP A 251 7.21 -13.27 -4.28
C ASP A 251 8.22 -14.40 -4.47
N ILE A 252 9.46 -14.06 -4.82
CA ILE A 252 10.51 -15.07 -4.97
C ILE A 252 10.72 -15.80 -3.65
N LEU A 253 10.86 -15.02 -2.57
CA LEU A 253 11.20 -15.55 -1.25
C LEU A 253 10.04 -16.29 -0.60
N PHE A 254 8.81 -15.79 -0.77
CA PHE A 254 7.68 -16.24 0.04
C PHE A 254 6.55 -16.83 -0.76
N GLY A 255 6.58 -16.71 -2.08
CA GLY A 255 5.60 -17.28 -2.99
C GLY A 255 4.67 -16.21 -3.55
N THR A 256 4.31 -16.36 -4.82
CA THR A 256 3.34 -15.47 -5.43
C THR A 256 1.95 -15.77 -4.91
N PRO A 257 1.16 -14.77 -4.51
CA PRO A 257 -0.18 -15.03 -3.99
C PRO A 257 -1.09 -15.66 -5.04
N ALA A 258 -1.98 -16.52 -4.56
CA ALA A 258 -3.05 -17.15 -5.31
C ALA A 258 -4.30 -17.00 -4.47
N PRO A 259 -5.50 -17.13 -5.07
CA PRO A 259 -6.73 -16.85 -4.33
C PRO A 259 -6.83 -17.63 -3.01
N VAL A 260 -7.26 -16.92 -1.96
CA VAL A 260 -7.36 -17.46 -0.61
C VAL A 260 -8.65 -16.94 0.01
N VAL A 261 -9.17 -17.68 0.98
CA VAL A 261 -10.36 -17.27 1.71
C VAL A 261 -9.97 -17.11 3.17
N THR A 262 -10.32 -15.98 3.76
CA THR A 262 -10.06 -15.77 5.18
C THR A 262 -11.12 -14.81 5.70
N GLU A 263 -10.83 -14.15 6.83
CA GLU A 263 -11.77 -13.24 7.47
C GLU A 263 -11.06 -11.96 7.88
N SER A 264 -11.86 -10.94 8.23
CA SER A 264 -11.27 -9.67 8.66
C SER A 264 -12.12 -9.04 9.75
N ASN A 265 -11.49 -8.10 10.47
CA ASN A 265 -12.01 -7.26 11.56
C ASN A 265 -11.76 -7.90 12.93
N LEU A 266 -12.06 -7.16 14.00
CA LEU A 266 -11.55 -7.52 15.33
C LEU A 266 -12.05 -8.88 15.79
N GLY A 267 -13.19 -9.33 15.28
CA GLY A 267 -13.72 -10.63 15.68
C GLY A 267 -12.86 -11.81 15.30
N VAL A 268 -11.76 -11.59 14.56
CA VAL A 268 -10.84 -12.69 14.29
C VAL A 268 -9.92 -12.97 15.47
N LEU A 269 -9.88 -12.08 16.46
CA LEU A 269 -9.20 -12.42 17.70
C LEU A 269 -9.99 -13.47 18.46
N LYS A 270 -9.28 -14.29 19.22
CA LYS A 270 -9.89 -15.41 19.93
C LYS A 270 -9.47 -15.36 21.39
N ALA A 271 -10.45 -15.19 22.28
CA ALA A 271 -10.15 -14.96 23.70
C ALA A 271 -9.29 -16.07 24.29
N ASP A 272 -9.47 -17.30 23.83
CA ASP A 272 -8.81 -18.46 24.42
C ASP A 272 -7.52 -18.85 23.73
N ALA A 273 -7.07 -18.08 22.74
CA ALA A 273 -5.81 -18.33 22.06
C ALA A 273 -4.82 -17.22 22.40
N VAL A 274 -3.55 -17.49 22.13
CA VAL A 274 -2.51 -16.45 22.17
C VAL A 274 -2.64 -15.61 20.89
N ASN A 275 -3.10 -14.37 21.03
CA ASN A 275 -3.32 -13.52 19.86
C ASN A 275 -2.08 -12.68 19.60
N VAL A 276 -1.52 -12.85 18.40
CA VAL A 276 -0.26 -12.24 18.00
C VAL A 276 -0.52 -11.48 16.70
N ALA A 277 -0.38 -10.16 16.74
CA ALA A 277 -0.53 -9.32 15.56
C ALA A 277 0.83 -9.08 14.94
N VAL A 278 0.93 -9.26 13.63
CA VAL A 278 2.07 -8.81 12.86
C VAL A 278 1.68 -7.49 12.21
N HIS A 279 2.53 -6.48 12.35
CA HIS A 279 2.15 -5.10 12.09
C HIS A 279 3.36 -4.40 11.50
N GLY A 280 3.14 -3.60 10.48
CA GLY A 280 4.24 -2.97 9.78
C GLY A 280 4.08 -3.19 8.29
N HIS A 281 5.20 -3.36 7.56
CA HIS A 281 5.17 -3.53 6.11
C HIS A 281 6.00 -4.67 5.58
N ASN A 282 7.17 -4.92 6.14
CA ASN A 282 8.09 -5.87 5.56
C ASN A 282 7.89 -7.23 6.18
N PRO A 283 7.50 -8.23 5.42
CA PRO A 283 7.15 -9.52 6.01
C PRO A 283 8.32 -10.47 6.17
N VAL A 284 9.55 -9.95 6.09
CA VAL A 284 10.74 -10.82 6.18
C VAL A 284 10.71 -11.60 7.49
N LEU A 285 10.31 -10.97 8.58
CA LEU A 285 10.19 -11.76 9.80
C LEU A 285 8.80 -12.33 9.98
N SER A 286 7.77 -11.61 9.57
CA SER A 286 6.42 -12.04 9.90
C SER A 286 6.00 -13.27 9.11
N ASP A 287 6.53 -13.45 7.90
CA ASP A 287 6.32 -14.73 7.22
C ASP A 287 6.92 -15.87 8.03
N ILE A 288 8.08 -15.63 8.64
CA ILE A 288 8.68 -16.61 9.54
C ILE A 288 7.81 -16.82 10.76
N ILE A 289 7.29 -15.72 11.34
CA ILE A 289 6.39 -15.84 12.49
C ILE A 289 5.24 -16.79 12.17
N VAL A 290 4.67 -16.67 10.97
CA VAL A 290 3.54 -17.54 10.60
C VAL A 290 3.96 -19.00 10.64
N SER A 291 5.11 -19.32 10.03
CA SER A 291 5.54 -20.72 9.99
C SER A 291 5.91 -21.22 11.38
N VAL A 292 6.65 -20.44 12.14
CA VAL A 292 7.12 -20.89 13.46
C VAL A 292 5.94 -21.05 14.42
N SER A 293 4.94 -20.16 14.33
CA SER A 293 3.83 -20.23 15.27
C SER A 293 3.11 -21.58 15.20
N LYS A 294 3.04 -22.19 14.01
CA LYS A 294 2.50 -23.54 13.93
C LYS A 294 3.35 -24.53 14.72
N GLU A 295 4.67 -24.40 14.62
CA GLU A 295 5.59 -25.24 15.38
C GLU A 295 5.44 -25.04 16.89
N MET A 296 4.95 -23.88 17.32
CA MET A 296 4.88 -23.53 18.73
C MET A 296 3.53 -23.86 19.36
N GLU A 297 2.66 -24.55 18.64
CA GLU A 297 1.28 -24.73 19.07
C GLU A 297 1.19 -25.51 20.38
N ASN A 298 1.95 -26.61 20.48
CA ASN A 298 1.87 -27.42 21.69
C ASN A 298 2.42 -26.66 22.89
N GLU A 299 3.45 -25.83 22.68
CA GLU A 299 3.93 -24.97 23.76
C GLU A 299 2.84 -23.99 24.19
N ALA A 300 2.10 -23.43 23.24
CA ALA A 300 0.99 -22.56 23.61
C ALA A 300 -0.09 -23.32 24.35
N ARG A 301 -0.40 -24.54 23.90
CA ARG A 301 -1.42 -25.34 24.57
C ARG A 301 -1.04 -25.63 26.01
N ALA A 302 0.23 -25.99 26.24
CA ALA A 302 0.71 -26.24 27.59
C ALA A 302 0.51 -25.04 28.51
N ALA A 303 0.48 -23.83 27.93
CA ALA A 303 0.26 -22.63 28.71
C ALA A 303 -1.21 -22.37 29.00
N GLY A 304 -2.13 -23.19 28.48
CA GLY A 304 -3.55 -22.99 28.68
C GLY A 304 -4.29 -22.37 27.51
N ALA A 305 -3.62 -22.11 26.40
CA ALA A 305 -4.28 -21.57 25.22
C ALA A 305 -4.65 -22.68 24.27
N THR A 306 -5.59 -22.38 23.36
CA THR A 306 -5.93 -23.34 22.32
C THR A 306 -4.84 -23.44 21.26
N GLY A 307 -3.97 -22.44 21.18
CA GLY A 307 -2.98 -22.35 20.13
C GLY A 307 -2.54 -20.91 19.97
N ILE A 308 -1.77 -20.67 18.92
CA ILE A 308 -1.30 -19.33 18.58
C ILE A 308 -2.13 -18.83 17.41
N ASN A 309 -2.78 -17.68 17.60
CA ASN A 309 -3.65 -17.08 16.60
C ASN A 309 -2.92 -15.85 16.05
N VAL A 310 -2.19 -16.04 14.95
CA VAL A 310 -1.52 -14.93 14.27
C VAL A 310 -2.55 -14.17 13.44
N VAL A 311 -2.62 -12.85 13.64
CA VAL A 311 -3.52 -11.98 12.89
C VAL A 311 -2.71 -10.82 12.35
N GLY A 312 -3.26 -10.16 11.34
CA GLY A 312 -2.56 -9.12 10.60
C GLY A 312 -3.07 -7.72 10.91
N ILE A 313 -2.15 -6.77 11.01
CA ILE A 313 -2.47 -5.36 11.04
C ILE A 313 -1.67 -4.69 9.92
N CYS A 314 -2.31 -3.78 9.19
CA CYS A 314 -1.66 -2.94 8.17
C CYS A 314 -1.08 -3.84 7.07
N CYS A 315 0.02 -3.41 6.45
CA CYS A 315 0.46 -4.07 5.22
C CYS A 315 1.20 -5.38 5.47
N THR A 316 1.96 -5.52 6.55
CA THR A 316 2.52 -6.82 6.85
C THR A 316 1.41 -7.86 7.02
N GLY A 317 0.30 -7.45 7.64
CA GLY A 317 -0.87 -8.31 7.68
C GLY A 317 -1.41 -8.64 6.30
N ASN A 318 -1.46 -7.63 5.40
CA ASN A 318 -1.85 -7.90 4.02
C ASN A 318 -0.90 -8.92 3.37
N GLU A 319 0.40 -8.81 3.62
CA GLU A 319 1.34 -9.75 3.01
C GLU A 319 1.00 -11.20 3.38
N VAL A 320 0.83 -11.46 4.67
CA VAL A 320 0.56 -12.83 5.11
C VAL A 320 -0.91 -13.22 4.90
N LEU A 321 -1.81 -12.24 4.78
CA LEU A 321 -3.13 -12.56 4.28
C LEU A 321 -3.07 -13.06 2.84
N MET A 322 -2.34 -12.32 1.98
CA MET A 322 -2.29 -12.68 0.56
C MET A 322 -1.71 -14.07 0.35
N ARG A 323 -0.66 -14.41 1.09
CA ARG A 323 0.09 -15.64 0.85
C ARG A 323 -0.41 -16.82 1.68
N HIS A 324 -0.92 -16.58 2.87
CA HIS A 324 -1.24 -17.65 3.80
C HIS A 324 -2.66 -17.63 4.31
N GLY A 325 -3.47 -16.64 3.93
CA GLY A 325 -4.81 -16.60 4.48
C GLY A 325 -4.89 -16.21 5.94
N ILE A 326 -3.85 -15.55 6.47
CA ILE A 326 -3.92 -15.04 7.84
C ILE A 326 -5.01 -13.98 7.93
N PRO A 327 -5.96 -14.11 8.86
CA PRO A 327 -7.04 -13.12 8.94
C PRO A 327 -6.51 -11.74 9.35
N ALA A 328 -7.10 -10.71 8.76
CA ALA A 328 -6.72 -9.33 9.04
C ALA A 328 -7.52 -8.82 10.23
N CYS A 329 -6.82 -8.40 11.28
CA CYS A 329 -7.46 -7.87 12.48
C CYS A 329 -8.00 -6.45 12.26
N THR A 330 -7.13 -5.51 11.90
CA THR A 330 -7.58 -4.16 11.58
C THR A 330 -6.48 -3.44 10.81
N HIS A 331 -6.68 -2.15 10.57
CA HIS A 331 -5.81 -1.39 9.68
C HIS A 331 -5.63 0.05 10.16
N SER A 332 -4.48 0.61 9.84
CA SER A 332 -4.33 2.05 9.76
C SER A 332 -4.79 2.80 10.99
N VAL A 333 -5.73 3.73 10.80
CA VAL A 333 -6.08 4.67 11.87
C VAL A 333 -6.62 3.96 13.10
N SER A 334 -7.25 2.78 12.94
CA SER A 334 -7.90 2.09 14.05
C SER A 334 -7.02 1.02 14.71
N GLN A 335 -5.71 1.05 14.45
CA GLN A 335 -4.85 -0.03 14.93
C GLN A 335 -4.80 -0.13 16.45
N GLU A 336 -5.01 0.99 17.16
CA GLU A 336 -5.01 0.90 18.63
C GLU A 336 -6.16 0.05 19.15
N MET A 337 -7.26 -0.04 18.39
CA MET A 337 -8.45 -0.73 18.88
C MET A 337 -8.22 -2.22 19.09
N ALA A 338 -7.34 -2.83 18.30
CA ALA A 338 -7.01 -4.24 18.52
C ALA A 338 -6.52 -4.45 19.95
N MET A 339 -5.71 -3.51 20.46
CA MET A 339 -5.20 -3.65 21.83
C MET A 339 -6.29 -3.42 22.87
N ILE A 340 -7.23 -2.50 22.59
CA ILE A 340 -8.29 -2.16 23.53
C ILE A 340 -9.20 -3.36 23.85
N THR A 341 -9.21 -4.39 22.99
CA THR A 341 -9.99 -5.60 23.30
C THR A 341 -9.55 -6.25 24.60
N GLY A 342 -8.28 -6.09 24.97
CA GLY A 342 -7.72 -6.81 26.10
C GLY A 342 -7.17 -8.17 25.75
N ALA A 343 -7.32 -8.61 24.51
CA ALA A 343 -6.93 -9.96 24.12
C ALA A 343 -5.70 -9.99 23.24
N LEU A 344 -5.06 -8.84 22.95
CA LEU A 344 -3.90 -8.83 22.06
C LEU A 344 -2.67 -9.06 22.91
N ASP A 345 -2.14 -10.29 22.88
CA ASP A 345 -1.02 -10.62 23.73
C ASP A 345 0.29 -10.04 23.20
N ALA A 346 0.45 -9.96 21.89
CA ALA A 346 1.67 -9.35 21.36
C ALA A 346 1.38 -8.63 20.05
N MET A 347 2.17 -7.60 19.79
CA MET A 347 2.11 -6.84 18.55
C MET A 347 3.53 -6.75 18.04
N ILE A 348 3.84 -7.44 16.94
CA ILE A 348 5.20 -7.57 16.46
C ILE A 348 5.40 -6.62 15.28
N LEU A 349 6.31 -5.67 15.45
CA LEU A 349 6.42 -4.47 14.60
C LEU A 349 7.69 -4.54 13.77
N ASP A 350 7.58 -4.22 12.47
CA ASP A 350 8.82 -3.92 11.76
C ASP A 350 8.96 -2.41 11.54
N TYR A 351 8.30 -1.84 10.53
CA TYR A 351 8.38 -0.39 10.36
C TYR A 351 7.27 0.08 9.43
N GLN A 352 7.00 1.38 9.51
CA GLN A 352 6.06 2.16 8.70
C GLN A 352 4.63 2.01 9.18
N CYS A 353 3.97 3.15 9.42
CA CYS A 353 2.56 3.30 9.71
C CYS A 353 2.15 2.74 11.08
N ILE A 354 3.11 2.50 11.96
CA ILE A 354 2.82 2.09 13.33
C ILE A 354 2.67 3.34 14.18
N GLN A 355 1.51 3.53 14.79
CA GLN A 355 1.32 4.69 15.66
C GLN A 355 2.17 4.47 16.91
N PRO A 356 3.11 5.36 17.24
CA PRO A 356 3.95 5.10 18.42
C PRO A 356 3.17 5.13 19.72
N SER A 357 1.93 5.61 19.71
CA SER A 357 1.04 5.49 20.85
C SER A 357 0.89 4.04 21.32
N VAL A 358 1.09 3.05 20.44
CA VAL A 358 0.84 1.67 20.88
C VAL A 358 1.74 1.31 22.06
N ALA A 359 2.95 1.87 22.12
CA ALA A 359 3.85 1.57 23.22
C ALA A 359 3.27 2.05 24.54
N THR A 360 2.60 3.20 24.52
CA THR A 360 1.97 3.74 25.73
C THR A 360 0.68 3.03 26.07
N ILE A 361 -0.16 2.77 25.06
CA ILE A 361 -1.43 2.09 25.31
C ILE A 361 -1.19 0.72 25.91
N ALA A 362 -0.06 0.08 25.56
CA ALA A 362 0.22 -1.29 26.01
C ALA A 362 0.29 -1.39 27.52
N GLU A 363 0.70 -0.32 28.20
CA GLU A 363 0.77 -0.36 29.66
C GLU A 363 -0.61 -0.55 30.29
N CYS A 364 -1.68 -0.12 29.60
CA CYS A 364 -3.03 -0.30 30.10
C CYS A 364 -3.63 -1.64 29.65
N THR A 365 -3.34 -2.07 28.42
CA THR A 365 -4.00 -3.23 27.86
C THR A 365 -3.25 -4.54 28.14
N GLY A 366 -2.01 -4.48 28.60
CA GLY A 366 -1.25 -5.68 28.85
C GLY A 366 -0.52 -6.23 27.63
N THR A 367 -0.72 -5.65 26.46
CA THR A 367 -0.09 -6.14 25.25
C THR A 367 1.42 -5.99 25.32
N THR A 368 2.15 -6.99 24.85
CA THR A 368 3.59 -6.89 24.67
C THR A 368 3.87 -6.36 23.26
N VAL A 369 4.32 -5.11 23.18
CA VAL A 369 4.70 -4.50 21.90
C VAL A 369 6.18 -4.75 21.70
N ILE A 370 6.54 -5.33 20.55
CA ILE A 370 7.92 -5.73 20.28
C ILE A 370 8.37 -5.13 18.95
N THR A 371 9.42 -4.30 19.01
CA THR A 371 10.09 -3.86 17.79
C THR A 371 11.17 -4.85 17.38
N THR A 372 11.49 -4.87 16.09
CA THR A 372 12.44 -5.85 15.56
C THR A 372 13.49 -5.28 14.62
N MET A 373 13.33 -4.05 14.14
CA MET A 373 14.26 -3.47 13.18
C MET A 373 15.08 -2.38 13.84
N GLU A 374 16.38 -2.36 13.52
CA GLU A 374 17.30 -1.47 14.20
C GLU A 374 16.91 -0.01 14.01
N MET A 375 16.37 0.34 12.86
CA MET A 375 16.10 1.75 12.61
C MET A 375 14.65 2.10 12.88
N SER A 376 13.92 1.26 13.60
CA SER A 376 12.55 1.59 13.98
C SER A 376 12.25 1.06 15.37
N LYS A 377 12.58 1.87 16.38
CA LYS A 377 12.39 1.57 17.79
C LYS A 377 11.36 2.52 18.38
N ILE A 378 10.69 2.09 19.45
CA ILE A 378 9.68 2.93 20.09
C ILE A 378 9.94 2.91 21.59
N THR A 379 10.14 4.10 22.18
CA THR A 379 10.43 4.17 23.61
C THR A 379 9.36 3.45 24.41
N GLY A 380 9.78 2.51 25.25
CA GLY A 380 8.89 1.75 26.08
C GLY A 380 8.48 0.41 25.50
N ALA A 381 8.81 0.14 24.24
CA ALA A 381 8.52 -1.17 23.67
C ALA A 381 9.74 -2.08 23.82
N THR A 382 9.49 -3.37 23.99
CA THR A 382 10.57 -4.35 24.03
C THR A 382 11.17 -4.49 22.63
N HIS A 383 12.50 -4.50 22.53
CA HIS A 383 13.16 -4.68 21.25
C HIS A 383 13.81 -6.05 21.17
N VAL A 384 13.56 -6.75 20.06
CA VAL A 384 14.22 -8.01 19.72
C VAL A 384 15.03 -7.79 18.44
N ASN A 385 16.36 -7.98 18.53
CA ASN A 385 17.24 -7.68 17.40
C ASN A 385 17.13 -8.80 16.36
N PHE A 386 16.10 -8.72 15.52
CA PHE A 386 15.91 -9.73 14.48
C PHE A 386 17.07 -9.74 13.49
N ALA A 387 17.48 -10.94 13.10
CA ALA A 387 18.47 -11.13 12.06
C ALA A 387 18.06 -12.33 11.23
N GLU A 388 18.12 -12.19 9.91
CA GLU A 388 17.70 -13.28 9.04
C GLU A 388 18.47 -14.55 9.36
N GLU A 389 19.73 -14.41 9.77
CA GLU A 389 20.55 -15.56 10.14
C GLU A 389 19.99 -16.31 11.34
N ALA A 390 19.18 -15.66 12.17
CA ALA A 390 18.65 -16.24 13.39
C ALA A 390 17.13 -16.20 13.42
N ALA A 391 16.51 -16.18 12.23
CA ALA A 391 15.10 -15.80 12.13
C ALA A 391 14.20 -16.73 12.93
N VAL A 392 14.42 -18.04 12.85
CA VAL A 392 13.56 -18.96 13.59
C VAL A 392 13.78 -18.79 15.09
N GLU A 393 15.03 -18.61 15.50
CA GLU A 393 15.31 -18.41 16.91
C GLU A 393 14.72 -17.09 17.42
N ASN A 394 14.82 -16.02 16.64
CA ASN A 394 14.16 -14.77 17.02
C ASN A 394 12.65 -14.95 17.11
N ALA A 395 12.07 -15.65 16.14
CA ALA A 395 10.63 -15.86 16.15
C ALA A 395 10.19 -16.60 17.41
N LYS A 396 10.95 -17.60 17.82
CA LYS A 396 10.59 -18.36 19.02
C LYS A 396 10.70 -17.49 20.28
N GLN A 397 11.75 -16.67 20.38
CA GLN A 397 11.87 -15.76 21.52
C GLN A 397 10.65 -14.82 21.57
N ILE A 398 10.26 -14.30 20.42
CA ILE A 398 9.14 -13.35 20.36
C ILE A 398 7.83 -14.04 20.75
N LEU A 399 7.56 -15.22 20.19
CA LEU A 399 6.32 -15.93 20.50
C LEU A 399 6.27 -16.38 21.96
N ARG A 400 7.42 -16.68 22.55
CA ARG A 400 7.42 -17.03 23.96
C ARG A 400 7.10 -15.83 24.85
N LEU A 401 7.48 -14.61 24.43
CA LEU A 401 6.97 -13.44 25.14
C LEU A 401 5.45 -13.35 25.02
N ALA A 402 4.92 -13.65 23.84
CA ALA A 402 3.48 -13.63 23.65
C ALA A 402 2.78 -14.66 24.52
N ILE A 403 3.36 -15.86 24.62
CA ILE A 403 2.74 -16.89 25.45
C ILE A 403 2.77 -16.48 26.92
N ASP A 404 3.91 -15.94 27.38
CA ASP A 404 3.98 -15.40 28.74
C ASP A 404 2.87 -14.38 28.97
N THR A 405 2.60 -13.54 27.97
CA THR A 405 1.60 -12.50 28.14
C THR A 405 0.20 -13.10 28.23
N PHE A 406 -0.09 -14.13 27.42
CA PHE A 406 -1.39 -14.81 27.53
C PHE A 406 -1.60 -15.38 28.92
N LYS A 407 -0.54 -15.97 29.51
CA LYS A 407 -0.67 -16.51 30.86
C LYS A 407 -1.07 -15.43 31.87
N ARG A 408 -0.54 -14.22 31.70
CA ARG A 408 -0.83 -13.15 32.65
C ARG A 408 -2.28 -12.71 32.59
N ARG A 409 -2.98 -12.96 31.50
CA ARG A 409 -4.39 -12.60 31.39
C ARG A 409 -5.31 -13.80 31.45
N LYS A 410 -4.77 -15.01 31.63
CA LYS A 410 -5.63 -16.19 31.77
C LYS A 410 -6.63 -15.95 32.88
N GLY A 411 -7.92 -15.95 32.52
CA GLY A 411 -8.98 -15.64 33.45
C GLY A 411 -9.66 -14.31 33.24
N LYS A 412 -8.89 -13.23 32.95
CA LYS A 412 -9.42 -11.89 32.79
C LYS A 412 -10.54 -11.81 31.76
N PRO A 413 -11.43 -10.82 31.85
CA PRO A 413 -12.43 -10.63 30.80
C PRO A 413 -11.87 -9.79 29.66
N VAL A 414 -12.19 -10.19 28.44
CA VAL A 414 -11.84 -9.40 27.26
C VAL A 414 -13.13 -9.01 26.56
N GLU A 415 -13.03 -7.97 25.73
CA GLU A 415 -14.16 -7.52 24.92
C GLU A 415 -13.71 -7.54 23.45
N ILE A 416 -13.89 -8.68 22.79
CA ILE A 416 -13.65 -8.79 21.36
C ILE A 416 -14.99 -8.60 20.67
N PRO A 417 -15.20 -7.53 19.90
CA PRO A 417 -16.45 -7.39 19.15
C PRO A 417 -16.64 -8.62 18.27
N ASN A 418 -17.85 -9.18 18.30
CA ASN A 418 -18.12 -10.39 17.53
C ASN A 418 -18.49 -10.02 16.09
N ILE A 419 -17.55 -9.31 15.44
CA ILE A 419 -17.81 -8.66 14.17
C ILE A 419 -16.70 -9.06 13.22
N LYS A 420 -17.05 -9.74 12.14
CA LYS A 420 -16.04 -10.01 11.12
C LYS A 420 -16.72 -10.19 9.77
N THR A 421 -15.92 -10.10 8.71
CA THR A 421 -16.40 -10.33 7.35
C THR A 421 -15.60 -11.47 6.72
N LYS A 422 -16.19 -12.07 5.69
CA LYS A 422 -15.48 -13.02 4.86
C LYS A 422 -14.69 -12.27 3.80
N VAL A 423 -13.44 -12.71 3.58
CA VAL A 423 -12.53 -12.06 2.65
C VAL A 423 -11.96 -13.10 1.70
N VAL A 424 -12.27 -12.96 0.42
CA VAL A 424 -11.59 -13.67 -0.65
C VAL A 424 -10.52 -12.73 -1.21
N ALA A 425 -9.28 -13.17 -1.25
CA ALA A 425 -8.16 -12.28 -1.61
C ALA A 425 -7.10 -13.10 -2.35
N GLY A 426 -5.88 -12.56 -2.42
CA GLY A 426 -4.80 -13.25 -3.11
C GLY A 426 -4.75 -13.07 -4.61
N PHE A 427 -5.29 -11.96 -5.12
CA PHE A 427 -5.34 -11.72 -6.57
C PHE A 427 -4.09 -10.95 -7.02
N SER A 428 -2.96 -11.66 -6.95
CA SER A 428 -1.77 -11.24 -7.69
C SER A 428 -2.12 -11.09 -9.17
N THR A 429 -1.30 -10.38 -9.91
CA THR A 429 -1.55 -10.27 -11.35
C THR A 429 -1.44 -11.63 -12.02
N GLU A 430 -0.52 -12.48 -11.56
CA GLU A 430 -0.45 -13.84 -12.11
C GLU A 430 -1.75 -14.59 -11.83
N ALA A 431 -2.31 -14.43 -10.63
CA ALA A 431 -3.57 -15.10 -10.31
C ALA A 431 -4.72 -14.59 -11.17
N ILE A 432 -4.74 -13.29 -11.44
CA ILE A 432 -5.81 -12.72 -12.26
C ILE A 432 -5.69 -13.21 -13.69
N ILE A 433 -4.48 -13.21 -14.23
CA ILE A 433 -4.25 -13.76 -15.56
C ILE A 433 -4.64 -15.24 -15.61
N ASN A 434 -4.28 -16.01 -14.58
CA ASN A 434 -4.69 -17.42 -14.55
C ASN A 434 -6.20 -17.56 -14.53
N ALA A 435 -6.88 -16.76 -13.71
CA ALA A 435 -8.33 -16.85 -13.64
C ALA A 435 -8.96 -16.53 -14.98
N LEU A 436 -8.45 -15.50 -15.65
CA LEU A 436 -8.94 -15.15 -16.97
C LEU A 436 -8.63 -16.23 -18.00
N SER A 437 -7.54 -16.96 -17.78
CA SER A 437 -7.13 -17.98 -18.74
C SER A 437 -8.11 -19.15 -18.79
N LYS A 438 -9.00 -19.28 -17.81
CA LYS A 438 -10.04 -20.30 -17.89
C LYS A 438 -11.12 -19.91 -18.89
N LEU A 439 -11.20 -18.64 -19.30
CA LEU A 439 -12.11 -18.24 -20.35
C LEU A 439 -11.44 -18.14 -21.71
N ASN A 440 -10.10 -18.02 -21.75
CA ASN A 440 -9.36 -17.98 -23.01
C ASN A 440 -7.92 -18.37 -22.68
N ALA A 441 -7.55 -19.62 -22.97
CA ALA A 441 -6.27 -20.16 -22.50
C ALA A 441 -5.08 -19.43 -23.12
N ASN A 442 -5.12 -19.19 -24.43
CA ASN A 442 -3.96 -18.65 -25.13
C ASN A 442 -3.96 -17.13 -25.19
N ASP A 443 -5.01 -16.46 -24.73
CA ASP A 443 -5.12 -15.01 -24.81
C ASP A 443 -5.88 -14.52 -23.58
N PRO A 444 -5.28 -14.70 -22.39
CA PRO A 444 -6.06 -14.49 -21.17
C PRO A 444 -6.51 -13.05 -20.96
N LEU A 445 -5.78 -12.05 -21.48
CA LEU A 445 -6.27 -10.70 -21.29
C LEU A 445 -7.49 -10.41 -22.15
N LYS A 446 -7.71 -11.18 -23.22
CA LYS A 446 -8.77 -10.81 -24.15
C LYS A 446 -10.16 -10.84 -23.55
N PRO A 447 -10.56 -11.82 -22.73
CA PRO A 447 -11.92 -11.74 -22.15
C PRO A 447 -12.12 -10.48 -21.32
N LEU A 448 -11.07 -9.98 -20.65
CA LEU A 448 -11.22 -8.73 -19.94
C LEU A 448 -11.43 -7.58 -20.90
N ILE A 449 -10.58 -7.47 -21.92
CA ILE A 449 -10.70 -6.37 -22.87
C ILE A 449 -12.02 -6.47 -23.63
N ASP A 450 -12.43 -7.69 -23.99
CA ASP A 450 -13.72 -7.87 -24.64
C ASP A 450 -14.82 -7.17 -23.88
N ASN A 451 -14.84 -7.36 -22.55
CA ASN A 451 -15.92 -6.83 -21.74
C ASN A 451 -15.75 -5.36 -21.42
N VAL A 452 -14.52 -4.84 -21.46
CA VAL A 452 -14.34 -3.39 -21.50
C VAL A 452 -14.94 -2.82 -22.77
N VAL A 453 -14.64 -3.45 -23.91
CA VAL A 453 -15.11 -2.92 -25.19
C VAL A 453 -16.63 -2.95 -25.27
N ASN A 454 -17.25 -4.06 -24.85
CA ASN A 454 -18.71 -4.17 -24.98
C ASN A 454 -19.46 -3.50 -23.84
N GLY A 455 -18.77 -2.95 -22.85
CA GLY A 455 -19.41 -2.16 -21.83
C GLY A 455 -19.75 -2.88 -20.54
N ASN A 456 -19.62 -4.21 -20.49
CA ASN A 456 -19.86 -4.92 -19.24
C ASN A 456 -18.89 -4.49 -18.16
N ILE A 457 -17.69 -4.06 -18.54
CA ILE A 457 -16.70 -3.46 -17.65
C ILE A 457 -16.46 -2.05 -18.13
N ARG A 458 -16.91 -1.07 -17.35
CA ARG A 458 -16.77 0.32 -17.79
C ARG A 458 -15.31 0.74 -17.76
N GLY A 459 -14.57 0.27 -16.77
CA GLY A 459 -13.19 0.67 -16.61
C GLY A 459 -12.62 -0.04 -15.41
N VAL A 460 -11.42 0.38 -14.98
CA VAL A 460 -10.77 -0.21 -13.82
C VAL A 460 -10.42 0.91 -12.86
N CYS A 461 -10.71 0.73 -11.58
CA CYS A 461 -10.27 1.66 -10.55
C CYS A 461 -9.45 0.95 -9.48
N LEU A 462 -8.25 1.48 -9.20
CA LEU A 462 -7.40 1.00 -8.11
C LEU A 462 -7.59 1.89 -6.89
N PHE A 463 -8.03 1.30 -5.77
CA PHE A 463 -8.04 2.00 -4.49
C PHE A 463 -6.76 1.66 -3.75
N ALA A 464 -6.04 2.69 -3.31
CA ALA A 464 -4.76 2.52 -2.63
C ALA A 464 -4.69 3.48 -1.45
N GLY A 465 -3.66 3.29 -0.62
CA GLY A 465 -3.40 4.25 0.43
C GLY A 465 -4.03 3.87 1.75
N CYS A 466 -4.02 4.86 2.64
CA CYS A 466 -4.24 4.72 4.07
C CYS A 466 -5.65 5.16 4.45
N ASN A 467 -6.01 4.99 5.72
CA ASN A 467 -7.01 5.83 6.38
C ASN A 467 -6.33 7.11 6.90
N ASN A 468 -7.15 8.08 7.30
CA ASN A 468 -6.68 9.40 7.75
C ASN A 468 -7.71 9.92 8.74
N VAL A 469 -7.25 10.28 9.94
CA VAL A 469 -8.16 10.67 11.02
C VAL A 469 -9.10 11.80 10.61
N LYS A 470 -8.71 12.62 9.63
CA LYS A 470 -9.57 13.70 9.17
C LYS A 470 -10.84 13.18 8.51
N VAL A 471 -10.85 11.94 8.05
CA VAL A 471 -11.96 11.36 7.28
C VAL A 471 -12.57 10.25 8.11
N PRO A 472 -13.89 10.29 8.37
CA PRO A 472 -14.53 9.16 9.06
C PRO A 472 -14.07 7.85 8.44
N GLN A 473 -13.49 6.97 9.25
CA GLN A 473 -12.74 5.84 8.72
C GLN A 473 -13.57 5.03 7.73
N ASP A 474 -13.02 4.84 6.54
CA ASP A 474 -13.54 4.03 5.43
C ASP A 474 -14.65 4.70 4.64
N GLN A 475 -15.15 5.86 5.07
CA GLN A 475 -16.28 6.51 4.40
C GLN A 475 -16.01 6.81 2.94
N ASN A 476 -14.83 7.34 2.63
CA ASN A 476 -14.55 7.67 1.22
C ASN A 476 -14.38 6.40 0.39
N PHE A 477 -13.62 5.42 0.90
CA PHE A 477 -13.40 4.19 0.14
C PHE A 477 -14.72 3.53 -0.20
N THR A 478 -15.61 3.38 0.79
CA THR A 478 -16.84 2.63 0.51
C THR A 478 -17.83 3.46 -0.29
N THR A 479 -17.93 4.76 -0.02
CA THR A 479 -18.87 5.57 -0.81
C THR A 479 -18.48 5.56 -2.28
N ILE A 480 -17.20 5.78 -2.58
CA ILE A 480 -16.77 5.80 -3.96
C ILE A 480 -16.90 4.42 -4.58
N ALA A 481 -16.46 3.37 -3.86
CA ALA A 481 -16.52 2.02 -4.39
C ALA A 481 -17.95 1.64 -4.74
N ARG A 482 -18.92 1.97 -3.88
CA ARG A 482 -20.30 1.59 -4.18
C ARG A 482 -20.76 2.21 -5.48
N LYS A 483 -20.44 3.48 -5.72
CA LYS A 483 -20.91 4.14 -6.93
C LYS A 483 -20.25 3.57 -8.18
N LEU A 484 -18.93 3.33 -8.13
CA LEU A 484 -18.25 2.74 -9.28
C LEU A 484 -18.72 1.33 -9.56
N LEU A 485 -18.92 0.52 -8.52
CA LEU A 485 -19.34 -0.87 -8.77
C LEU A 485 -20.71 -0.91 -9.43
N LYS A 486 -21.62 -0.02 -9.01
CA LYS A 486 -22.92 0.07 -9.67
C LYS A 486 -22.81 0.46 -11.13
N GLN A 487 -21.76 1.20 -11.50
CA GLN A 487 -21.53 1.61 -12.87
C GLN A 487 -20.64 0.64 -13.63
N ASN A 488 -20.46 -0.58 -13.11
CA ASN A 488 -19.75 -1.68 -13.76
C ASN A 488 -18.24 -1.43 -13.86
N VAL A 489 -17.67 -0.69 -12.92
CA VAL A 489 -16.22 -0.55 -12.89
C VAL A 489 -15.64 -1.76 -12.17
N LEU A 490 -14.61 -2.37 -12.76
CA LEU A 490 -13.83 -3.38 -12.06
C LEU A 490 -12.96 -2.71 -11.02
N VAL A 491 -13.11 -3.07 -9.76
CA VAL A 491 -12.42 -2.38 -8.67
C VAL A 491 -11.35 -3.31 -8.12
N VAL A 492 -10.11 -2.81 -8.06
CA VAL A 492 -9.01 -3.52 -7.42
C VAL A 492 -8.49 -2.63 -6.29
N ALA A 493 -7.81 -3.25 -5.32
CA ALA A 493 -7.48 -2.51 -4.11
C ALA A 493 -6.24 -3.09 -3.45
N THR A 494 -5.49 -2.20 -2.78
CA THR A 494 -4.26 -2.56 -2.09
C THR A 494 -4.22 -1.86 -0.74
N GLY A 495 -3.32 -2.34 0.11
CA GLY A 495 -3.01 -1.68 1.35
C GLY A 495 -4.24 -1.51 2.22
N CYS A 496 -4.32 -0.35 2.88
CA CYS A 496 -5.46 -0.09 3.75
C CYS A 496 -6.70 0.34 2.98
N GLY A 497 -6.60 0.61 1.68
CA GLY A 497 -7.79 0.66 0.86
C GLY A 497 -8.43 -0.71 0.72
N ALA A 498 -7.61 -1.73 0.47
CA ALA A 498 -8.10 -3.09 0.56
C ALA A 498 -8.61 -3.40 1.96
N GLY A 499 -7.91 -2.92 2.98
CA GLY A 499 -8.38 -3.13 4.33
C GLY A 499 -9.76 -2.53 4.59
N ALA A 500 -9.98 -1.29 4.13
CA ALA A 500 -11.28 -0.66 4.32
C ALA A 500 -12.39 -1.44 3.62
N LEU A 501 -12.15 -1.86 2.38
CA LEU A 501 -13.18 -2.54 1.63
C LEU A 501 -13.40 -3.95 2.17
N MET A 502 -12.33 -4.62 2.59
CA MET A 502 -12.45 -5.97 3.15
C MET A 502 -13.30 -5.96 4.42
N ARG A 503 -13.10 -4.95 5.29
CA ARG A 503 -13.84 -4.89 6.55
C ARG A 503 -15.29 -4.52 6.38
N HIS A 504 -15.70 -4.06 5.18
CA HIS A 504 -17.08 -3.71 4.94
C HIS A 504 -17.75 -4.67 3.95
N GLY A 505 -17.15 -5.83 3.72
CA GLY A 505 -17.79 -6.88 2.96
C GLY A 505 -17.55 -6.84 1.47
N PHE A 506 -16.66 -5.96 0.98
CA PHE A 506 -16.49 -5.84 -0.46
C PHE A 506 -15.64 -6.95 -1.03
N MET A 507 -15.08 -7.82 -0.20
CA MET A 507 -14.32 -8.97 -0.68
C MET A 507 -15.06 -10.27 -0.42
N ASP A 508 -16.36 -10.19 -0.13
CA ASP A 508 -17.19 -11.38 0.03
C ASP A 508 -18.03 -11.56 -1.22
N PRO A 509 -17.85 -12.64 -1.99
CA PRO A 509 -18.68 -12.85 -3.19
C PRO A 509 -20.18 -12.90 -2.91
N ALA A 510 -20.60 -13.14 -1.66
CA ALA A 510 -22.04 -13.11 -1.36
C ALA A 510 -22.63 -11.72 -1.50
N ASN A 511 -21.82 -10.67 -1.61
CA ASN A 511 -22.34 -9.32 -1.77
C ASN A 511 -22.32 -8.82 -3.21
N VAL A 512 -21.98 -9.70 -4.18
CA VAL A 512 -21.93 -9.28 -5.58
C VAL A 512 -23.29 -8.78 -6.05
N ASP A 513 -24.36 -9.52 -5.74
CA ASP A 513 -25.70 -9.12 -6.20
C ASP A 513 -26.07 -7.73 -5.69
N GLU A 514 -25.80 -7.47 -4.41
CA GLU A 514 -26.16 -6.17 -3.82
C GLU A 514 -25.32 -5.03 -4.40
N LEU A 515 -24.04 -5.29 -4.66
CA LEU A 515 -23.09 -4.21 -4.91
C LEU A 515 -22.81 -3.94 -6.38
N CYS A 516 -22.85 -4.96 -7.24
CA CYS A 516 -22.32 -4.83 -8.59
C CYS A 516 -23.43 -4.54 -9.61
N GLY A 517 -23.12 -3.68 -10.58
CA GLY A 517 -24.00 -3.52 -11.74
C GLY A 517 -24.10 -4.81 -12.53
N ASP A 518 -25.10 -4.87 -13.42
CA ASP A 518 -25.40 -6.12 -14.10
C ASP A 518 -24.25 -6.57 -14.98
N GLY A 519 -23.61 -5.64 -15.68
CA GLY A 519 -22.50 -6.02 -16.55
C GLY A 519 -21.32 -6.57 -15.77
N LEU A 520 -20.92 -5.88 -14.71
CA LEU A 520 -19.83 -6.35 -13.87
C LEU A 520 -20.16 -7.68 -13.22
N LYS A 521 -21.37 -7.82 -12.69
CA LYS A 521 -21.78 -9.09 -12.11
C LYS A 521 -21.64 -10.23 -13.12
N ALA A 522 -22.08 -10.01 -14.35
CA ALA A 522 -21.98 -11.04 -15.38
C ALA A 522 -20.52 -11.48 -15.56
N VAL A 523 -19.58 -10.52 -15.59
CA VAL A 523 -18.17 -10.84 -15.79
C VAL A 523 -17.60 -11.56 -14.57
N LEU A 524 -17.87 -11.04 -13.36
CA LEU A 524 -17.35 -11.69 -12.17
C LEU A 524 -17.90 -13.11 -12.04
N THR A 525 -19.18 -13.30 -12.36
CA THR A 525 -19.80 -14.63 -12.31
C THR A 525 -19.15 -15.55 -13.34
N ALA A 526 -19.00 -15.07 -14.58
CA ALA A 526 -18.41 -15.89 -15.64
C ALA A 526 -17.00 -16.36 -15.28
N ILE A 527 -16.15 -15.46 -14.77
CA ILE A 527 -14.80 -15.87 -14.39
C ILE A 527 -14.83 -16.83 -13.21
N GLY A 528 -15.65 -16.52 -12.19
CA GLY A 528 -15.70 -17.38 -11.01
C GLY A 528 -16.21 -18.78 -11.32
N GLU A 529 -17.28 -18.87 -12.12
CA GLU A 529 -17.82 -20.19 -12.48
C GLU A 529 -16.81 -20.98 -13.29
N ALA A 530 -16.02 -20.31 -14.13
CA ALA A 530 -15.02 -21.01 -14.93
C ALA A 530 -13.82 -21.46 -14.12
N ASN A 531 -13.64 -20.90 -12.93
CA ASN A 531 -12.61 -21.38 -12.03
C ASN A 531 -13.19 -22.37 -11.01
N GLY A 532 -14.36 -22.93 -11.33
CA GLY A 532 -14.99 -23.97 -10.53
C GLY A 532 -15.72 -23.49 -9.30
N LEU A 533 -15.79 -22.17 -9.07
CA LEU A 533 -16.22 -21.67 -7.77
C LEU A 533 -17.71 -21.88 -7.52
N GLY A 534 -18.51 -22.03 -8.57
CA GLY A 534 -19.95 -22.03 -8.40
C GLY A 534 -20.53 -20.69 -8.04
N GLY A 535 -19.71 -19.65 -8.02
CA GLY A 535 -20.15 -18.31 -7.72
C GLY A 535 -19.11 -17.34 -8.25
N PRO A 536 -19.42 -16.05 -8.19
CA PRO A 536 -18.54 -15.04 -8.78
C PRO A 536 -17.26 -14.82 -7.97
N LEU A 537 -16.31 -14.17 -8.63
CA LEU A 537 -15.22 -13.50 -7.94
C LEU A 537 -15.81 -12.48 -6.97
N PRO A 538 -15.04 -12.02 -5.98
CA PRO A 538 -15.56 -11.02 -5.04
C PRO A 538 -15.81 -9.69 -5.73
N PRO A 539 -16.59 -8.80 -5.11
CA PRO A 539 -16.87 -7.50 -5.74
C PRO A 539 -15.63 -6.67 -6.01
N VAL A 540 -14.60 -6.81 -5.18
CA VAL A 540 -13.35 -6.08 -5.29
C VAL A 540 -12.20 -7.08 -5.25
N LEU A 541 -11.20 -6.91 -6.10
CA LEU A 541 -10.06 -7.82 -6.15
C LEU A 541 -8.93 -7.25 -5.30
N HIS A 542 -8.56 -7.99 -4.25
CA HIS A 542 -7.48 -7.61 -3.35
C HIS A 542 -6.15 -7.97 -4.02
N MET A 543 -5.40 -6.96 -4.44
CA MET A 543 -4.10 -7.13 -5.07
C MET A 543 -2.93 -7.01 -4.11
N GLY A 544 -3.15 -6.81 -2.82
CA GLY A 544 -2.11 -7.04 -1.84
C GLY A 544 -1.74 -5.77 -1.06
N SER A 545 -0.47 -5.68 -0.71
CA SER A 545 0.07 -4.63 0.15
C SER A 545 0.32 -3.35 -0.66
N CYS A 546 0.86 -2.33 0.03
CA CYS A 546 1.16 -1.07 -0.65
C CYS A 546 2.23 -1.23 -1.72
N VAL A 547 3.29 -2.03 -1.47
CA VAL A 547 4.25 -2.23 -2.55
C VAL A 547 3.59 -2.97 -3.70
N ASP A 548 2.62 -3.84 -3.40
CA ASP A 548 1.86 -4.55 -4.43
C ASP A 548 0.96 -3.62 -5.25
N ASN A 549 0.99 -2.31 -5.04
CA ASN A 549 0.48 -1.44 -6.10
C ASN A 549 1.24 -1.70 -7.39
N SER A 550 2.46 -2.21 -7.29
CA SER A 550 3.21 -2.60 -8.47
C SER A 550 2.52 -3.70 -9.27
N ARG A 551 1.75 -4.58 -8.60
CA ARG A 551 0.97 -5.59 -9.29
C ARG A 551 -0.06 -4.94 -10.21
N ALA A 552 -0.74 -3.89 -9.74
CA ALA A 552 -1.70 -3.20 -10.60
C ALA A 552 -1.00 -2.57 -11.79
N VAL A 553 0.22 -2.04 -11.59
CA VAL A 553 0.98 -1.55 -12.74
C VAL A 553 1.25 -2.68 -13.73
N ALA A 554 1.66 -3.86 -13.23
CA ALA A 554 1.92 -4.99 -14.12
C ALA A 554 0.69 -5.35 -14.94
N LEU A 555 -0.49 -5.37 -14.29
CA LEU A 555 -1.72 -5.66 -15.00
C LEU A 555 -2.04 -4.58 -16.04
N VAL A 556 -1.95 -3.30 -15.65
CA VAL A 556 -2.28 -2.21 -16.57
C VAL A 556 -1.31 -2.17 -17.73
N ALA A 557 -0.01 -2.39 -17.47
CA ALA A 557 0.98 -2.42 -18.54
C ALA A 557 0.73 -3.60 -19.48
N ALA A 558 0.31 -4.75 -18.94
CA ALA A 558 0.02 -5.87 -19.81
C ALA A 558 -1.19 -5.57 -20.69
N LEU A 559 -2.21 -4.93 -20.11
CA LEU A 559 -3.36 -4.50 -20.91
C LEU A 559 -2.95 -3.50 -21.97
N ALA A 560 -2.09 -2.53 -21.61
CA ALA A 560 -1.64 -1.57 -22.61
C ALA A 560 -0.89 -2.28 -23.74
N ASN A 561 0.00 -3.21 -23.40
CA ASN A 561 0.77 -3.91 -24.43
C ASN A 561 -0.14 -4.75 -25.31
N ARG A 562 -1.13 -5.41 -24.71
CA ARG A 562 -2.06 -6.23 -25.48
C ARG A 562 -2.89 -5.38 -26.42
N LEU A 563 -3.28 -4.18 -25.98
CA LEU A 563 -4.06 -3.27 -26.81
C LEU A 563 -3.22 -2.45 -27.78
N GLY A 564 -1.91 -2.43 -27.61
CA GLY A 564 -1.07 -1.58 -28.44
C GLY A 564 -1.29 -0.09 -28.23
N VAL A 565 -1.56 0.32 -26.99
CA VAL A 565 -1.65 1.74 -26.67
C VAL A 565 -0.83 1.99 -25.40
N ASP A 566 -0.54 3.27 -25.15
CA ASP A 566 0.09 3.70 -23.91
C ASP A 566 -0.94 3.73 -22.78
N LEU A 567 -0.44 3.77 -21.54
CA LEU A 567 -1.30 3.66 -20.37
C LEU A 567 -2.27 4.84 -20.28
N ASP A 568 -1.89 6.00 -20.82
CA ASP A 568 -2.76 7.16 -20.73
C ASP A 568 -3.89 7.15 -21.73
N ARG A 569 -4.06 6.05 -22.48
CA ARG A 569 -5.27 5.84 -23.27
C ARG A 569 -6.21 4.81 -22.66
N LEU A 570 -5.81 4.12 -21.58
CA LEU A 570 -6.67 3.10 -20.99
C LEU A 570 -7.71 3.73 -20.05
N PRO A 571 -8.90 3.12 -19.96
CA PRO A 571 -9.92 3.56 -18.98
C PRO A 571 -9.62 2.98 -17.60
N VAL A 572 -8.50 3.47 -17.03
CA VAL A 572 -7.98 3.03 -15.75
C VAL A 572 -7.71 4.29 -14.93
N VAL A 573 -8.16 4.29 -13.67
CA VAL A 573 -7.95 5.41 -12.76
C VAL A 573 -7.48 4.87 -11.42
N ALA A 574 -6.97 5.77 -10.58
CA ALA A 574 -6.58 5.41 -9.22
C ALA A 574 -7.24 6.37 -8.23
N SER A 575 -7.51 5.87 -7.01
CA SER A 575 -8.06 6.69 -5.94
C SER A 575 -7.34 6.42 -4.63
N ALA A 576 -6.56 7.40 -4.17
CA ALA A 576 -6.04 7.44 -2.80
C ALA A 576 -7.07 8.18 -1.94
N ALA A 577 -8.17 7.47 -1.64
CA ALA A 577 -9.38 8.13 -1.16
C ALA A 577 -9.24 8.71 0.25
N GLU A 578 -8.34 8.17 1.09
CA GLU A 578 -8.19 8.61 2.49
C GLU A 578 -6.73 8.65 2.94
N SER A 579 -5.85 9.16 2.11
CA SER A 579 -4.43 8.87 2.31
C SER A 579 -3.81 9.76 3.37
N MET A 580 -2.71 9.28 3.96
CA MET A 580 -1.98 10.00 5.00
C MET A 580 -0.46 9.95 4.81
N HIS A 581 0.10 8.81 4.43
CA HIS A 581 1.54 8.64 4.54
C HIS A 581 2.28 9.25 3.37
N GLU A 582 3.54 9.64 3.60
CA GLU A 582 4.36 10.14 2.51
C GLU A 582 4.46 9.11 1.40
N LYS A 583 4.47 7.83 1.76
CA LYS A 583 4.45 6.76 0.76
C LYS A 583 3.27 6.88 -0.18
N ALA A 584 2.10 7.28 0.34
CA ALA A 584 0.94 7.42 -0.52
C ALA A 584 1.06 8.63 -1.42
N VAL A 585 1.75 9.68 -0.95
CA VAL A 585 2.01 10.80 -1.84
C VAL A 585 2.91 10.37 -2.99
N ALA A 586 3.93 9.56 -2.70
CA ALA A 586 4.78 9.05 -3.77
C ALA A 586 3.99 8.19 -4.76
N ILE A 587 3.12 7.31 -4.25
CA ILE A 587 2.36 6.41 -5.12
C ILE A 587 1.40 7.21 -6.01
N GLY A 588 0.69 8.17 -5.42
CA GLY A 588 -0.20 9.01 -6.21
C GLY A 588 0.56 9.72 -7.32
N THR A 589 1.76 10.23 -7.01
CA THR A 589 2.55 10.93 -8.01
C THR A 589 3.02 9.99 -9.12
N TRP A 590 3.43 8.75 -8.79
CA TRP A 590 3.83 7.90 -9.91
C TRP A 590 2.64 7.34 -10.66
N ALA A 591 1.47 7.21 -10.03
CA ALA A 591 0.29 6.89 -10.82
C ALA A 591 0.02 7.96 -11.88
N VAL A 592 0.18 9.23 -11.50
CA VAL A 592 0.07 10.32 -12.45
C VAL A 592 1.17 10.22 -13.51
N THR A 593 2.40 9.90 -13.07
CA THR A 593 3.54 9.89 -13.97
C THR A 593 3.45 8.75 -15.00
N ILE A 594 2.85 7.61 -14.65
CA ILE A 594 2.72 6.55 -15.66
C ILE A 594 1.47 6.72 -16.52
N GLY A 595 0.64 7.74 -16.23
CA GLY A 595 -0.45 8.07 -17.14
C GLY A 595 -1.88 8.00 -16.62
N LEU A 596 -2.07 7.87 -15.30
CA LEU A 596 -3.42 7.62 -14.80
C LEU A 596 -4.06 8.88 -14.23
N PRO A 597 -5.36 9.09 -14.47
CA PRO A 597 -6.11 10.01 -13.62
C PRO A 597 -6.13 9.46 -12.20
N THR A 598 -5.72 10.30 -11.25
CA THR A 598 -5.39 9.87 -9.89
C THR A 598 -6.12 10.78 -8.90
N HIS A 599 -7.14 10.24 -8.27
CA HIS A 599 -7.90 11.00 -7.29
C HIS A 599 -7.19 10.93 -5.94
N ILE A 600 -7.21 12.06 -5.22
CA ILE A 600 -6.80 12.08 -3.81
C ILE A 600 -7.93 12.71 -3.01
N GLY A 601 -8.36 12.03 -1.96
CA GLY A 601 -9.55 12.40 -1.21
C GLY A 601 -9.28 13.13 0.09
N VAL A 602 -8.04 13.52 0.35
CA VAL A 602 -7.70 14.39 1.46
C VAL A 602 -6.95 15.58 0.88
N LEU A 603 -6.90 16.67 1.63
CA LEU A 603 -6.22 17.85 1.11
C LEU A 603 -4.71 17.66 1.17
N PRO A 604 -4.03 17.63 0.04
CA PRO A 604 -2.58 17.67 0.05
C PRO A 604 -2.11 19.10 0.20
N PRO A 605 -0.89 19.33 0.71
CA PRO A 605 -0.43 20.70 0.99
C PRO A 605 0.06 21.43 -0.27
N ILE A 606 -0.86 21.58 -1.22
CA ILE A 606 -0.60 22.27 -2.48
C ILE A 606 -1.54 23.44 -2.71
N THR A 607 -2.61 23.57 -1.94
CA THR A 607 -3.61 24.58 -2.26
C THR A 607 -3.10 25.99 -2.02
N GLY A 608 -1.96 26.14 -1.33
CA GLY A 608 -1.36 27.45 -1.17
C GLY A 608 -0.75 28.02 -2.43
N SER A 609 -0.58 27.21 -3.47
CA SER A 609 0.00 27.69 -4.72
C SER A 609 -0.91 27.31 -5.88
N LEU A 610 -1.54 28.30 -6.49
CA LEU A 610 -2.36 27.99 -7.65
C LEU A 610 -1.52 27.46 -8.81
N PRO A 611 -0.35 28.04 -9.15
CA PRO A 611 0.47 27.45 -10.21
C PRO A 611 0.86 26.00 -9.98
N VAL A 612 1.27 25.62 -8.76
CA VAL A 612 1.56 24.22 -8.49
C VAL A 612 0.32 23.36 -8.67
N THR A 613 -0.82 23.84 -8.15
CA THR A 613 -2.05 23.07 -8.26
C THR A 613 -2.42 22.88 -9.72
N GLN A 614 -2.27 23.94 -10.52
CA GLN A 614 -2.58 23.84 -11.94
C GLN A 614 -1.67 22.86 -12.66
N ILE A 615 -0.38 22.84 -12.30
CA ILE A 615 0.52 21.85 -12.91
C ILE A 615 0.06 20.45 -12.58
N LEU A 616 -0.23 20.19 -11.30
CA LEU A 616 -0.50 18.82 -10.87
C LEU A 616 -1.86 18.31 -11.30
N THR A 617 -2.81 19.20 -11.54
CA THR A 617 -4.15 18.80 -11.92
C THR A 617 -4.48 19.07 -13.37
N SER A 618 -3.70 19.88 -14.07
CA SER A 618 -4.02 20.17 -15.46
C SER A 618 -2.84 20.03 -16.42
N SER A 619 -1.78 20.81 -16.22
CA SER A 619 -0.79 20.84 -17.29
C SER A 619 0.08 19.59 -17.32
N VAL A 620 0.14 18.81 -16.23
CA VAL A 620 0.90 17.56 -16.30
C VAL A 620 0.27 16.60 -17.30
N LYS A 621 -1.01 16.81 -17.64
CA LYS A 621 -1.65 16.03 -18.70
C LYS A 621 -0.81 16.04 -19.97
N ASP A 622 -0.21 17.21 -20.27
CA ASP A 622 0.58 17.41 -21.47
C ASP A 622 1.95 16.77 -21.39
N ILE A 623 2.38 16.35 -20.20
CA ILE A 623 3.68 15.73 -20.00
C ILE A 623 3.52 14.21 -19.97
N THR A 624 2.71 13.71 -19.03
CA THR A 624 2.59 12.26 -18.83
C THR A 624 1.24 11.70 -19.24
N GLY A 625 0.23 12.54 -19.46
CA GLY A 625 -1.10 12.08 -19.77
C GLY A 625 -1.95 11.79 -18.55
N GLY A 626 -1.33 11.63 -17.37
CA GLY A 626 -2.07 11.52 -16.13
C GLY A 626 -2.27 12.88 -15.51
N TYR A 627 -2.95 12.90 -14.37
CA TYR A 627 -3.24 14.15 -13.65
C TYR A 627 -3.88 13.82 -12.31
N PHE A 628 -3.70 14.71 -11.33
CA PHE A 628 -4.39 14.57 -10.06
C PHE A 628 -5.82 15.10 -10.14
N ILE A 629 -6.72 14.46 -9.39
CA ILE A 629 -8.09 14.92 -9.15
C ILE A 629 -8.24 15.09 -7.65
N VAL A 630 -8.15 16.32 -7.16
CA VAL A 630 -8.32 16.58 -5.74
C VAL A 630 -9.82 16.77 -5.47
N GLU A 631 -10.40 15.89 -4.67
CA GLU A 631 -11.83 16.02 -4.39
C GLU A 631 -12.11 15.40 -3.04
N LEU A 632 -12.47 16.23 -2.06
CA LEU A 632 -12.68 15.78 -0.69
C LEU A 632 -14.07 15.18 -0.47
N ASP A 633 -15.03 15.49 -1.34
CA ASP A 633 -16.38 14.93 -1.20
C ASP A 633 -16.47 13.62 -1.97
N PRO A 634 -16.72 12.48 -1.30
CA PRO A 634 -16.66 11.18 -2.02
C PRO A 634 -17.69 11.01 -3.12
N GLU A 635 -18.93 11.47 -2.93
CA GLU A 635 -19.89 11.35 -4.03
C GLU A 635 -19.41 12.10 -5.26
N THR A 636 -18.91 13.34 -5.06
CA THR A 636 -18.36 14.12 -6.15
C THR A 636 -17.13 13.46 -6.75
N ALA A 637 -16.27 12.87 -5.90
CA ALA A 637 -15.06 12.20 -6.38
C ALA A 637 -15.41 11.05 -7.31
N ALA A 638 -16.44 10.27 -6.95
CA ALA A 638 -16.86 9.16 -7.80
C ALA A 638 -17.34 9.65 -9.16
N ASP A 639 -18.13 10.74 -9.18
CA ASP A 639 -18.56 11.32 -10.45
C ASP A 639 -17.37 11.74 -11.30
N LYS A 640 -16.37 12.37 -10.67
CA LYS A 640 -15.18 12.82 -11.38
C LYS A 640 -14.36 11.64 -11.89
N LEU A 641 -14.28 10.56 -11.10
CA LEU A 641 -13.56 9.37 -11.55
C LEU A 641 -14.31 8.69 -12.69
N LEU A 642 -15.63 8.62 -12.59
CA LEU A 642 -16.42 8.09 -13.72
C LEU A 642 -16.23 8.96 -14.95
N ALA A 643 -16.23 10.27 -14.81
CA ALA A 643 -16.01 11.13 -15.97
C ALA A 643 -14.64 10.86 -16.60
N ALA A 644 -13.61 10.68 -15.76
CA ALA A 644 -12.28 10.39 -16.28
C ALA A 644 -12.26 9.05 -17.01
N ILE A 645 -12.88 8.02 -16.45
CA ILE A 645 -12.94 6.73 -17.13
C ILE A 645 -13.66 6.88 -18.46
N ASN A 646 -14.79 7.58 -18.46
CA ASN A 646 -15.59 7.72 -19.68
C ASN A 646 -14.91 8.57 -20.73
N GLU A 647 -14.10 9.54 -20.34
CA GLU A 647 -13.28 10.25 -21.31
C GLU A 647 -12.30 9.31 -22.01
N ARG A 648 -11.67 8.41 -21.24
CA ARG A 648 -10.76 7.44 -21.85
C ARG A 648 -11.52 6.52 -22.81
N ARG A 649 -12.72 6.08 -22.40
CA ARG A 649 -13.56 5.26 -23.27
C ARG A 649 -13.83 5.99 -24.58
N ALA A 650 -14.22 7.27 -24.50
CA ALA A 650 -14.50 8.05 -25.71
C ALA A 650 -13.26 8.16 -26.60
N GLY A 651 -12.08 8.38 -26.00
CA GLY A 651 -10.85 8.47 -26.76
C GLY A 651 -10.45 7.18 -27.46
N LEU A 652 -10.93 6.04 -26.98
CA LEU A 652 -10.75 4.76 -27.66
C LEU A 652 -11.89 4.45 -28.61
N GLY A 653 -12.82 5.39 -28.79
CA GLY A 653 -13.97 5.17 -29.66
C GLY A 653 -15.03 4.27 -29.11
N LEU A 654 -15.05 4.06 -27.78
CA LEU A 654 -16.02 3.13 -27.22
C LEU A 654 -17.26 3.88 -26.74
N PRO A 655 -18.40 3.19 -26.70
CA PRO A 655 -19.59 3.75 -26.04
C PRO A 655 -19.35 3.91 -24.54
N TRP A 656 -20.10 4.81 -23.92
CA TRP A 656 -19.95 5.04 -22.48
C TRP A 656 -21.24 5.53 -21.78
FE1 SF4 B . 14.04 30.35 2.51
FE2 SF4 B . 12.80 28.29 3.77
FE3 SF4 B . 12.74 30.71 4.87
FE4 SF4 B . 15.05 29.32 4.86
S1 SF4 B . 13.19 28.71 5.97
S2 SF4 B . 14.74 31.56 4.34
S3 SF4 B . 14.86 28.21 2.83
S4 SF4 B . 11.81 30.14 2.85
FE1 FES C . 4.74 26.09 9.89
FE2 FES C . 2.34 26.04 11.02
S1 FES C . 3.55 27.87 10.52
S2 FES C . 3.23 24.47 9.74
NI1 NFS D . 0.25 2.33 2.44
FE1 NFS D . 1.02 0.14 4.05
FE2 NFS D . -1.85 1.45 5.84
FE3 NFS D . -1.52 3.73 4.27
FE4 NFS D . 0.29 3.04 5.96
S1 NFS D . 0.01 0.78 6.37
S2 NFS D . 2.36 1.47 2.51
S3 NFS D . 0.62 4.04 3.80
S4 NFS D . -1.59 3.45 6.95
S5 NFS D . -1.79 1.64 3.40
#